data_5ZI9
#
_entry.id   5ZI9
#
_cell.length_a   206.768
_cell.length_b   206.768
_cell.length_c   206.768
_cell.angle_alpha   90.000
_cell.angle_beta   90.000
_cell.angle_gamma   90.000
#
_symmetry.space_group_name_H-M   'I 2 3'
#
loop_
_entity.id
_entity.type
_entity.pdbx_description
1 polymer "Cytokinin riboside 5'-monophosphate phosphoribohydrolase"
2 non-polymer 1,2-ETHANEDIOL
3 non-polymer 'CITRATE ANION'
4 non-polymer GLYCEROL
5 water water
#
_entity_poly.entity_id   1
_entity_poly.type   'polypeptide(L)'
_entity_poly.pdbx_seq_one_letter_code
;MATGNPEGKKRPPEEQRLGPVLRRRGQVQESTTDQRLLDERAPTDWVHTDPWRVLRIQSEFIEGFGTLAELPPAISVFGS
ARTPADSPEYDAGVRLGRGLVEAGFAVITGGGPGAMEAANKGALEAKGTSVGLGIELPFEQGLNPYVDIGLNFRYFFVRK
MMFVKYAQGFVVLPGGLGTLDELFEALTLVQTQKVTRFPIVLFGSEYWGGLVDWLRGTLVAQGKAAEKDLMLFHVTDDVD
EAVALVSKEAGRLEHHHHHH
;
_entity_poly.pdbx_strand_id   A,B,C,D
#
loop_
_chem_comp.id
_chem_comp.type
_chem_comp.name
_chem_comp.formula
EDO non-polymer 1,2-ETHANEDIOL 'C2 H6 O2'
FLC non-polymer 'CITRATE ANION' 'C6 H5 O7 -3'
GOL non-polymer GLYCEROL 'C3 H8 O3'
#
# COMPACT_ATOMS: atom_id res chain seq x y z
N ASP A 45 -9.36 -7.05 46.61
CA ASP A 45 -10.70 -7.66 46.90
C ASP A 45 -11.48 -7.61 45.62
N TRP A 46 -12.21 -6.53 45.37
CA TRP A 46 -12.91 -6.29 44.08
C TRP A 46 -11.97 -6.27 42.87
N VAL A 47 -10.69 -5.91 43.05
CA VAL A 47 -9.77 -5.75 41.90
C VAL A 47 -9.32 -7.10 41.30
N HIS A 48 -9.54 -8.19 42.04
CA HIS A 48 -9.22 -9.55 41.55
C HIS A 48 -10.48 -10.33 41.16
N THR A 49 -11.44 -9.65 40.58
CA THR A 49 -12.66 -10.27 40.17
C THR A 49 -12.84 -10.01 38.70
N ASP A 50 -13.61 -10.90 38.07
CA ASP A 50 -13.82 -10.81 36.63
C ASP A 50 -14.60 -9.54 36.17
N PRO A 51 -15.47 -8.98 37.02
CA PRO A 51 -16.10 -7.77 36.53
C PRO A 51 -15.09 -6.64 36.41
N TRP A 52 -14.13 -6.55 37.33
CA TRP A 52 -13.15 -5.48 37.23
C TRP A 52 -12.15 -5.75 36.12
N ARG A 53 -11.87 -7.04 35.94
CA ARG A 53 -10.92 -7.51 34.91
C ARG A 53 -11.40 -7.08 33.51
N VAL A 54 -12.68 -7.27 33.24
CA VAL A 54 -13.28 -6.96 31.94
C VAL A 54 -13.14 -5.46 31.67
N LEU A 55 -13.37 -4.65 32.70
CA LEU A 55 -13.29 -3.23 32.56
C LEU A 55 -11.86 -2.79 32.31
N ARG A 56 -10.87 -3.44 32.91
CA ARG A 56 -9.47 -3.03 32.71
C ARG A 56 -9.01 -3.48 31.37
N ILE A 57 -9.40 -4.69 31.01
CA ILE A 57 -9.01 -5.23 29.71
C ILE A 57 -9.53 -4.37 28.58
N GLN A 58 -10.79 -4.02 28.69
CA GLN A 58 -11.47 -3.31 27.66
C GLN A 58 -10.88 -1.91 27.51
N SER A 59 -10.49 -1.31 28.63
CA SER A 59 -9.92 -0.01 28.58
C SER A 59 -8.56 -0.01 27.89
N GLU A 60 -7.84 -1.13 27.92
CA GLU A 60 -6.59 -1.24 27.20
C GLU A 60 -6.80 -1.36 25.75
N PHE A 61 -7.86 -1.99 25.33
CA PHE A 61 -8.16 -2.04 23.91
C PHE A 61 -8.53 -0.65 23.39
N ILE A 62 -9.21 0.13 24.21
CA ILE A 62 -9.68 1.44 23.83
C ILE A 62 -8.49 2.39 23.71
N GLU A 63 -7.56 2.18 24.59
CA GLU A 63 -6.35 2.95 24.61
C GLU A 63 -5.50 2.60 23.35
N GLY A 64 -5.46 1.31 23.00
CA GLY A 64 -4.72 0.84 21.81
C GLY A 64 -5.39 1.25 20.50
N PHE A 65 -6.69 1.03 20.41
CA PHE A 65 -7.40 1.39 19.17
C PHE A 65 -7.32 2.90 18.94
N GLY A 66 -7.53 3.64 20.03
CA GLY A 66 -7.51 5.09 19.97
C GLY A 66 -6.19 5.67 19.54
N THR A 67 -5.12 5.25 20.19
CA THR A 67 -3.80 5.70 19.92
C THR A 67 -3.31 5.25 18.56
N LEU A 68 -3.68 4.05 18.11
CA LEU A 68 -3.11 3.54 16.86
C LEU A 68 -4.00 3.66 15.65
N ALA A 69 -5.23 4.17 15.80
CA ALA A 69 -6.19 4.16 14.67
C ALA A 69 -5.64 4.77 13.40
N GLU A 70 -4.97 5.91 13.52
CA GLU A 70 -4.52 6.66 12.36
C GLU A 70 -3.07 6.45 12.00
N LEU A 71 -2.54 5.28 12.33
CA LEU A 71 -1.17 4.95 12.02
C LEU A 71 -1.09 4.70 10.54
N PRO A 72 0.05 5.08 9.91
CA PRO A 72 0.24 4.66 8.54
C PRO A 72 0.56 3.19 8.47
N PRO A 73 0.64 2.64 7.27
CA PRO A 73 1.06 1.29 7.04
C PRO A 73 2.32 1.03 7.83
N ALA A 74 2.36 -0.12 8.51
CA ALA A 74 3.44 -0.46 9.39
C ALA A 74 3.88 -1.93 9.25
N ILE A 75 5.04 -2.15 9.84
CA ILE A 75 5.68 -3.41 9.94
C ILE A 75 6.20 -3.47 11.36
N SER A 76 6.01 -4.63 11.98
CA SER A 76 6.39 -4.85 13.35
C SER A 76 7.74 -5.53 13.27
N VAL A 77 8.66 -5.11 14.13
CA VAL A 77 10.02 -5.61 14.15
C VAL A 77 10.29 -6.21 15.51
N PHE A 78 10.94 -7.37 15.49
CA PHE A 78 11.22 -8.14 16.69
C PHE A 78 12.68 -8.58 16.71
N GLY A 79 13.16 -8.87 17.90
CA GLY A 79 14.55 -9.25 18.05
C GLY A 79 14.99 -9.15 19.49
N SER A 80 16.24 -9.49 19.70
CA SER A 80 16.81 -9.61 20.99
C SER A 80 16.82 -8.30 21.70
N ALA A 81 16.37 -8.33 22.95
CA ALA A 81 16.47 -7.16 23.82
C ALA A 81 17.90 -6.92 24.30
N ARG A 82 18.77 -7.93 24.11
CA ARG A 82 20.10 -7.96 24.68
C ARG A 82 21.18 -7.52 23.72
N THR A 83 20.84 -7.41 22.44
CA THR A 83 21.79 -7.02 21.40
C THR A 83 22.54 -5.75 21.82
N PRO A 84 23.89 -5.78 21.84
CA PRO A 84 24.65 -4.55 22.20
C PRO A 84 24.75 -3.60 21.03
N ALA A 85 24.84 -2.31 21.33
CA ALA A 85 24.93 -1.24 20.32
C ALA A 85 26.16 -1.28 19.41
N ASP A 86 27.29 -1.77 19.93
CA ASP A 86 28.51 -2.04 19.11
C ASP A 86 28.30 -3.08 17.99
N SER A 87 27.32 -3.98 18.14
CA SER A 87 27.11 -5.12 17.26
C SER A 87 26.73 -4.84 15.80
N PRO A 88 27.17 -5.71 14.86
CA PRO A 88 26.62 -5.84 13.47
C PRO A 88 25.09 -6.09 13.37
N GLU A 89 24.58 -6.95 14.26
CA GLU A 89 23.14 -7.18 14.43
C GLU A 89 22.37 -5.89 14.77
N TYR A 90 22.98 -5.07 15.59
CA TYR A 90 22.40 -3.78 15.95
C TYR A 90 22.39 -2.85 14.74
N ASP A 91 23.50 -2.81 14.03
CA ASP A 91 23.61 -2.01 12.84
C ASP A 91 22.55 -2.43 11.77
N ALA A 92 22.35 -3.73 11.62
CA ALA A 92 21.33 -4.31 10.74
C ALA A 92 19.95 -3.82 11.10
N GLY A 93 19.63 -3.74 12.39
CA GLY A 93 18.33 -3.21 12.82
C GLY A 93 18.20 -1.73 12.53
N VAL A 94 19.28 -0.98 12.74
CA VAL A 94 19.24 0.43 12.34
C VAL A 94 19.01 0.55 10.83
N ARG A 95 19.70 -0.29 10.07
CA ARG A 95 19.59 -0.29 8.63
C ARG A 95 18.23 -0.73 8.20
N LEU A 96 17.71 -1.73 8.86
CA LEU A 96 16.36 -2.23 8.60
C LEU A 96 15.29 -1.17 8.87
N GLY A 97 15.36 -0.49 10.01
CA GLY A 97 14.39 0.55 10.30
C GLY A 97 14.35 1.68 9.26
N ARG A 98 15.54 2.08 8.84
CA ARG A 98 15.74 3.12 7.87
C ARG A 98 15.11 2.68 6.56
N GLY A 99 15.38 1.47 6.10
CA GLY A 99 14.83 0.97 4.85
C GLY A 99 13.32 0.70 4.78
N LEU A 100 12.72 0.39 5.92
CA LEU A 100 11.26 0.25 6.05
C LEU A 100 10.56 1.59 5.93
N VAL A 101 11.20 2.63 6.46
CA VAL A 101 10.63 3.96 6.36
C VAL A 101 10.69 4.46 4.95
N GLU A 102 11.82 4.17 4.30
CA GLU A 102 11.96 4.48 2.90
C GLU A 102 10.96 3.74 2.07
N ALA A 103 10.50 2.58 2.51
CA ALA A 103 9.50 1.78 1.78
C ALA A 103 8.07 2.17 2.09
N GLY A 104 7.90 3.24 2.84
CA GLY A 104 6.60 3.78 3.20
C GLY A 104 6.02 3.38 4.53
N PHE A 105 6.77 2.65 5.36
CA PHE A 105 6.15 2.04 6.52
C PHE A 105 6.53 2.74 7.77
N ALA A 106 5.63 2.67 8.74
CA ALA A 106 5.99 2.98 10.09
C ALA A 106 6.62 1.72 10.68
N VAL A 107 7.43 1.88 11.70
CA VAL A 107 8.07 0.78 12.31
C VAL A 107 7.59 0.68 13.76
N ILE A 108 7.14 -0.51 14.13
CA ILE A 108 6.62 -0.80 15.46
C ILE A 108 7.50 -1.81 16.16
N THR A 109 7.92 -1.48 17.39
CA THR A 109 8.62 -2.43 18.23
C THR A 109 7.96 -2.59 19.59
N GLY A 110 8.59 -3.44 20.40
CA GLY A 110 8.26 -3.58 21.81
C GLY A 110 8.79 -2.47 22.73
N GLY A 111 9.59 -1.56 22.19
CA GLY A 111 9.99 -0.39 22.92
C GLY A 111 11.19 -0.62 23.81
N GLY A 112 11.72 -1.85 23.81
CA GLY A 112 12.85 -2.19 24.63
C GLY A 112 14.17 -1.86 23.98
N PRO A 113 15.26 -2.34 24.60
CA PRO A 113 16.62 -2.12 24.12
C PRO A 113 17.05 -3.15 23.08
N GLY A 114 18.29 -3.07 22.64
CA GLY A 114 18.82 -4.02 21.67
C GLY A 114 18.27 -3.82 20.26
N ALA A 115 17.94 -4.92 19.60
CA ALA A 115 17.30 -4.89 18.28
C ALA A 115 16.04 -4.01 18.18
N MET A 116 15.21 -3.93 19.23
CA MET A 116 14.05 -3.04 19.24
C MET A 116 14.48 -1.58 19.07
N GLU A 117 15.34 -1.14 19.97
CA GLU A 117 15.92 0.17 19.92
C GLU A 117 16.58 0.45 18.57
N ALA A 118 17.34 -0.51 18.07
CA ALA A 118 18.01 -0.31 16.80
C ALA A 118 17.03 0.05 15.67
N ALA A 119 15.93 -0.67 15.58
CA ALA A 119 14.93 -0.50 14.54
C ALA A 119 14.18 0.83 14.69
N ASN A 120 13.81 1.16 15.93
CA ASN A 120 13.23 2.44 16.23
C ASN A 120 14.17 3.57 15.87
N LYS A 121 15.44 3.36 16.17
CA LYS A 121 16.45 4.37 15.91
C LYS A 121 16.61 4.60 14.42
N GLY A 122 16.66 3.54 13.65
CA GLY A 122 16.71 3.66 12.21
C GLY A 122 15.49 4.36 11.59
N ALA A 123 14.31 4.07 12.12
CA ALA A 123 13.10 4.73 11.65
C ALA A 123 13.16 6.25 11.90
N LEU A 124 13.74 6.66 13.02
CA LEU A 124 13.94 8.07 13.30
C LEU A 124 14.96 8.72 12.36
N GLU A 125 16.09 8.08 12.16
CA GLU A 125 17.13 8.59 11.29
C GLU A 125 16.61 8.89 9.93
N ALA A 126 15.77 8.01 9.44
CA ALA A 126 15.04 8.14 8.16
C ALA A 126 13.86 9.13 8.17
N LYS A 127 13.58 9.75 9.30
CA LYS A 127 12.41 10.59 9.53
C LYS A 127 11.04 9.96 9.43
N GLY A 128 10.92 8.71 9.88
CA GLY A 128 9.67 7.96 9.81
C GLY A 128 8.90 7.95 11.12
N THR A 129 7.82 7.19 11.18
CA THR A 129 7.08 7.21 12.43
C THR A 129 7.49 5.96 13.18
N SER A 130 7.99 6.19 14.41
CA SER A 130 8.65 5.21 15.25
C SER A 130 7.75 4.90 16.45
N VAL A 131 7.28 3.65 16.54
CA VAL A 131 6.27 3.24 17.49
C VAL A 131 6.88 2.24 18.44
N GLY A 132 6.47 2.27 19.70
CA GLY A 132 6.90 1.30 20.65
C GLY A 132 5.75 0.93 21.54
N LEU A 133 5.51 -0.40 21.67
CA LEU A 133 4.42 -0.96 22.46
C LEU A 133 5.01 -1.86 23.53
N GLY A 134 5.01 -1.37 24.76
CA GLY A 134 5.65 -2.06 25.90
C GLY A 134 4.67 -2.90 26.70
N ILE A 135 5.24 -3.82 27.43
CA ILE A 135 4.48 -4.63 28.36
C ILE A 135 5.00 -4.28 29.75
N GLU A 136 4.12 -4.00 30.69
CA GLU A 136 4.56 -3.62 32.02
C GLU A 136 5.05 -4.91 32.69
N LEU A 137 6.25 -4.85 33.25
CA LEU A 137 6.89 -5.97 33.94
C LEU A 137 7.28 -5.64 35.40
N PRO A 138 7.47 -6.69 36.20
CA PRO A 138 7.86 -6.53 37.59
C PRO A 138 9.05 -5.60 37.81
N PHE A 139 10.01 -5.60 36.89
CA PHE A 139 11.19 -4.72 36.98
C PHE A 139 10.83 -3.27 36.67
N GLU A 140 11.75 -2.36 36.92
CA GLU A 140 11.59 -1.00 36.42
C GLU A 140 12.03 -0.98 34.93
N GLN A 141 11.30 -0.23 34.10
CA GLN A 141 11.60 -0.19 32.69
C GLN A 141 11.19 1.17 32.09
N GLY A 142 11.23 1.28 30.78
CA GLY A 142 10.92 2.54 30.11
C GLY A 142 11.08 2.32 28.62
N LEU A 143 10.32 3.04 27.84
CA LEU A 143 10.41 2.90 26.41
C LEU A 143 11.70 3.54 25.95
N ASN A 144 12.35 2.88 24.98
CA ASN A 144 13.61 3.34 24.46
C ASN A 144 13.55 4.80 23.90
N PRO A 145 14.68 5.48 23.92
CA PRO A 145 14.71 6.91 23.60
C PRO A 145 14.31 7.23 22.17
N TYR A 146 14.30 6.25 21.26
CA TYR A 146 13.97 6.49 19.85
C TYR A 146 12.51 6.21 19.47
N VAL A 147 11.68 5.99 20.47
CA VAL A 147 10.27 5.75 20.29
C VAL A 147 9.57 7.08 20.33
N ASP A 148 8.75 7.36 19.32
CA ASP A 148 8.04 8.63 19.21
C ASP A 148 6.64 8.56 19.72
N ILE A 149 6.00 7.43 19.50
CA ILE A 149 4.64 7.22 19.96
C ILE A 149 4.63 5.85 20.62
N GLY A 150 4.28 5.84 21.90
CA GLY A 150 4.31 4.63 22.70
C GLY A 150 3.09 4.42 23.57
N LEU A 151 2.82 3.14 23.86
CA LEU A 151 1.92 2.74 24.92
C LEU A 151 2.52 1.62 25.77
N ASN A 152 2.05 1.53 27.01
CA ASN A 152 2.31 0.37 27.88
C ASN A 152 1.06 -0.39 28.17
N PHE A 153 1.13 -1.69 28.00
CA PHE A 153 0.00 -2.56 28.26
C PHE A 153 0.34 -3.39 29.48
N ARG A 154 -0.65 -3.61 30.32
CA ARG A 154 -0.55 -4.57 31.39
C ARG A 154 -0.89 -6.00 30.95
N TYR A 155 -1.78 -6.14 29.96
CA TYR A 155 -2.21 -7.43 29.47
C TYR A 155 -1.46 -7.89 28.23
N PHE A 156 -0.79 -9.04 28.34
N PHE A 156 -0.77 -9.04 28.32
CA PHE A 156 0.09 -9.59 27.29
CA PHE A 156 0.11 -9.55 27.25
C PHE A 156 -0.62 -9.80 25.96
C PHE A 156 -0.63 -9.76 25.93
N PHE A 157 -1.87 -10.23 26.03
CA PHE A 157 -2.63 -10.66 24.87
C PHE A 157 -3.24 -9.49 24.12
N VAL A 158 -3.46 -8.36 24.80
CA VAL A 158 -3.93 -7.12 24.16
C VAL A 158 -2.79 -6.54 23.35
N ARG A 159 -1.62 -6.47 23.93
CA ARG A 159 -0.47 -5.95 23.21
C ARG A 159 -0.15 -6.81 22.00
N LYS A 160 -0.18 -8.11 22.16
CA LYS A 160 0.14 -9.03 21.05
C LYS A 160 -0.69 -8.75 19.85
N MET A 161 -1.94 -8.48 20.13
CA MET A 161 -2.95 -8.27 19.11
C MET A 161 -2.74 -6.98 18.34
N MET A 162 -2.31 -5.95 19.07
CA MET A 162 -1.97 -4.66 18.49
C MET A 162 -0.86 -4.83 17.44
N PHE A 163 0.17 -5.61 17.74
CA PHE A 163 1.29 -5.81 16.79
C PHE A 163 0.83 -6.30 15.44
N VAL A 164 -0.21 -7.12 15.41
CA VAL A 164 -0.69 -7.71 14.19
C VAL A 164 -1.75 -6.86 13.50
N LYS A 165 -2.59 -6.19 14.29
CA LYS A 165 -3.67 -5.44 13.70
C LYS A 165 -3.16 -4.21 13.01
N TYR A 166 -2.28 -3.49 13.68
CA TYR A 166 -1.71 -2.27 13.16
C TYR A 166 -0.46 -2.43 12.32
N ALA A 167 -0.07 -3.65 12.00
CA ALA A 167 0.97 -3.90 11.01
C ALA A 167 0.42 -4.77 9.90
N GLN A 168 1.19 -4.84 8.82
CA GLN A 168 0.88 -5.65 7.67
C GLN A 168 1.98 -6.70 7.36
N GLY A 169 2.94 -6.87 8.28
CA GLY A 169 4.02 -7.83 8.12
C GLY A 169 4.95 -7.80 9.29
N PHE A 170 5.80 -8.79 9.40
CA PHE A 170 6.70 -8.94 10.55
C PHE A 170 8.11 -9.11 9.99
N VAL A 171 9.06 -8.44 10.61
CA VAL A 171 10.47 -8.78 10.36
C VAL A 171 11.04 -9.24 11.70
N VAL A 172 11.82 -10.31 11.63
CA VAL A 172 12.36 -10.96 12.82
C VAL A 172 13.91 -11.03 12.79
N LEU A 173 14.53 -10.14 13.58
CA LEU A 173 15.99 -10.13 13.81
C LEU A 173 16.33 -11.21 14.82
N PRO A 174 17.58 -11.71 14.78
CA PRO A 174 18.00 -12.74 15.73
C PRO A 174 17.58 -12.36 17.12
N GLY A 175 16.89 -13.27 17.80
CA GLY A 175 16.30 -12.99 19.09
C GLY A 175 16.04 -14.18 19.95
N GLY A 176 15.49 -13.88 21.11
CA GLY A 176 15.24 -14.87 22.13
C GLY A 176 13.86 -15.49 22.18
N LEU A 177 13.44 -15.84 23.39
CA LEU A 177 12.18 -16.53 23.62
C LEU A 177 11.00 -15.69 23.16
N GLY A 178 11.00 -14.40 23.51
CA GLY A 178 9.93 -13.45 23.15
C GLY A 178 9.84 -13.20 21.68
N THR A 179 10.97 -13.31 20.99
CA THR A 179 11.03 -13.19 19.57
C THR A 179 10.44 -14.43 18.93
N LEU A 180 10.78 -15.60 19.43
CA LEU A 180 10.17 -16.85 18.92
C LEU A 180 8.66 -16.92 19.11
N ASP A 181 8.20 -16.40 20.23
CA ASP A 181 6.81 -16.24 20.53
C ASP A 181 6.01 -15.53 19.41
N GLU A 182 6.44 -14.33 19.06
CA GLU A 182 5.77 -13.54 18.04
C GLU A 182 5.93 -14.16 16.67
N LEU A 183 7.13 -14.66 16.38
CA LEU A 183 7.36 -15.40 15.15
C LEU A 183 6.33 -16.54 14.92
N PHE A 184 6.16 -17.42 15.90
CA PHE A 184 5.24 -18.54 15.72
C PHE A 184 3.76 -18.18 15.76
N GLU A 185 3.42 -17.09 16.42
CA GLU A 185 2.07 -16.59 16.50
C GLU A 185 1.68 -16.12 15.11
N ALA A 186 2.53 -15.34 14.48
CA ALA A 186 2.30 -14.87 13.12
C ALA A 186 2.19 -16.01 12.14
N LEU A 187 2.99 -17.02 12.33
CA LEU A 187 2.96 -18.14 11.43
C LEU A 187 1.63 -18.87 11.58
N THR A 188 1.05 -18.97 12.77
CA THR A 188 -0.20 -19.76 12.87
C THR A 188 -1.36 -18.89 12.45
N LEU A 189 -1.19 -17.58 12.55
CA LEU A 189 -2.21 -16.65 12.09
C LEU A 189 -2.36 -16.72 10.58
N VAL A 190 -1.24 -16.82 9.89
CA VAL A 190 -1.21 -16.88 8.45
C VAL A 190 -1.67 -18.25 7.99
N GLN A 191 -1.13 -19.29 8.58
CA GLN A 191 -1.58 -20.65 8.28
C GLN A 191 -3.09 -20.87 8.49
N THR A 192 -3.70 -20.27 9.52
CA THR A 192 -5.14 -20.41 9.76
C THR A 192 -6.01 -19.28 9.14
N GLN A 193 -5.45 -18.50 8.23
CA GLN A 193 -6.14 -17.39 7.54
C GLN A 193 -6.80 -16.36 8.47
N LYS A 194 -6.09 -15.92 9.50
CA LYS A 194 -6.56 -14.84 10.35
C LYS A 194 -5.87 -13.49 10.00
N VAL A 195 -4.86 -13.53 9.12
CA VAL A 195 -4.28 -12.34 8.48
C VAL A 195 -3.96 -12.78 7.10
N THR A 196 -3.90 -11.84 6.17
CA THR A 196 -3.57 -12.13 4.78
C THR A 196 -2.60 -11.07 4.30
N ARG A 197 -1.91 -11.40 3.24
CA ARG A 197 -0.84 -10.57 2.70
C ARG A 197 0.07 -10.07 3.81
N PHE A 198 0.59 -11.05 4.56
CA PHE A 198 1.37 -10.82 5.76
C PHE A 198 2.75 -11.48 5.65
N PRO A 199 3.69 -10.78 5.07
CA PRO A 199 5.05 -11.35 4.95
C PRO A 199 5.74 -11.58 6.29
N ILE A 200 6.53 -12.63 6.40
CA ILE A 200 7.28 -12.87 7.62
C ILE A 200 8.72 -13.11 7.21
N VAL A 201 9.59 -12.15 7.52
CA VAL A 201 10.96 -12.26 7.11
C VAL A 201 11.88 -12.49 8.31
N LEU A 202 12.62 -13.59 8.27
CA LEU A 202 13.67 -13.87 9.25
C LEU A 202 15.00 -13.33 8.76
N PHE A 203 15.66 -12.53 9.60
CA PHE A 203 16.99 -12.03 9.27
C PHE A 203 18.14 -12.79 9.95
N GLY A 204 19.05 -13.32 9.12
CA GLY A 204 20.24 -14.06 9.57
C GLY A 204 20.12 -15.55 9.30
N SER A 205 20.65 -16.00 8.16
CA SER A 205 20.44 -17.39 7.74
C SER A 205 21.20 -18.41 8.58
N GLU A 206 22.35 -18.02 9.16
CA GLU A 206 23.08 -18.92 10.08
C GLU A 206 22.40 -19.01 11.46
N TYR A 207 21.88 -17.89 11.93
CA TYR A 207 21.14 -17.86 13.17
C TYR A 207 19.91 -18.75 13.14
N TRP A 208 19.06 -18.51 12.13
CA TRP A 208 17.75 -19.18 11.98
C TRP A 208 17.82 -20.55 11.29
N GLY A 209 18.93 -20.85 10.62
CA GLY A 209 19.04 -22.09 9.86
C GLY A 209 18.77 -23.35 10.70
N GLY A 210 19.27 -23.37 11.93
CA GLY A 210 19.08 -24.52 12.75
C GLY A 210 17.64 -24.80 13.04
N LEU A 211 16.89 -23.76 13.38
CA LEU A 211 15.45 -23.88 13.58
C LEU A 211 14.77 -24.35 12.31
N VAL A 212 15.13 -23.75 11.18
CA VAL A 212 14.56 -24.13 9.88
C VAL A 212 14.78 -25.61 9.51
N ASP A 213 16.00 -26.11 9.71
CA ASP A 213 16.27 -27.55 9.58
C ASP A 213 15.42 -28.38 10.50
N TRP A 214 15.19 -27.97 11.74
CA TRP A 214 14.33 -28.74 12.61
C TRP A 214 12.84 -28.71 12.22
N LEU A 215 12.41 -27.59 11.66
CA LEU A 215 11.02 -27.47 11.18
C LEU A 215 10.78 -28.41 10.00
N ARG A 216 11.73 -28.43 9.08
CA ARG A 216 11.68 -29.34 7.95
C ARG A 216 11.95 -30.80 8.38
N GLY A 217 13.08 -31.00 9.02
CA GLY A 217 13.60 -32.30 9.40
C GLY A 217 12.73 -33.11 10.32
N THR A 218 12.02 -32.45 11.22
CA THR A 218 11.24 -33.15 12.24
C THR A 218 9.74 -32.92 12.06
N LEU A 219 9.31 -31.65 12.09
CA LEU A 219 7.90 -31.26 11.95
C LEU A 219 7.29 -31.67 10.61
N VAL A 220 7.88 -31.21 9.52
CA VAL A 220 7.29 -31.47 8.20
C VAL A 220 7.36 -32.97 7.92
N ALA A 221 8.52 -33.55 8.21
CA ALA A 221 8.75 -34.96 7.98
C ALA A 221 7.83 -35.89 8.77
N GLN A 222 7.35 -35.47 9.92
CA GLN A 222 6.37 -36.21 10.70
C GLN A 222 4.93 -35.76 10.50
N GLY A 223 4.70 -34.91 9.48
CA GLY A 223 3.39 -34.41 9.16
C GLY A 223 2.72 -33.52 10.18
N LYS A 224 3.49 -32.93 11.10
CA LYS A 224 2.99 -31.89 12.00
C LYS A 224 2.75 -30.56 11.26
N ALA A 225 3.40 -30.41 10.12
CA ALA A 225 3.21 -29.28 9.27
C ALA A 225 3.42 -29.76 7.86
N ALA A 226 2.94 -28.98 6.89
CA ALA A 226 3.12 -29.29 5.47
C ALA A 226 4.30 -28.53 4.91
N GLU A 227 4.79 -28.91 3.75
CA GLU A 227 5.93 -28.22 3.14
C GLU A 227 5.54 -26.81 2.65
N LYS A 228 4.26 -26.61 2.33
CA LYS A 228 3.78 -25.26 1.96
C LYS A 228 3.84 -24.27 3.17
N ASP A 229 3.69 -24.78 4.40
CA ASP A 229 3.83 -23.94 5.59
C ASP A 229 5.24 -23.34 5.73
N LEU A 230 6.29 -24.01 5.25
CA LEU A 230 7.65 -23.43 5.28
C LEU A 230 7.82 -22.24 4.34
N MET A 231 6.97 -22.16 3.33
CA MET A 231 6.98 -21.04 2.41
C MET A 231 6.23 -19.81 2.96
N LEU A 232 5.61 -19.93 4.12
CA LEU A 232 5.04 -18.74 4.78
C LEU A 232 6.03 -17.71 5.27
N PHE A 233 7.30 -18.09 5.46
CA PHE A 233 8.35 -17.16 5.84
C PHE A 233 9.48 -17.18 4.82
N HIS A 234 10.38 -16.19 4.90
CA HIS A 234 11.57 -16.04 4.05
C HIS A 234 12.78 -15.87 4.98
N VAL A 235 13.98 -16.24 4.53
CA VAL A 235 15.18 -16.01 5.33
C VAL A 235 16.17 -15.26 4.46
N THR A 236 16.90 -14.30 5.00
CA THR A 236 17.81 -13.53 4.18
C THR A 236 18.88 -12.92 5.07
N ASP A 237 19.99 -12.51 4.46
CA ASP A 237 21.06 -11.79 5.16
C ASP A 237 21.27 -10.38 4.65
N ASP A 238 20.49 -9.99 3.64
CA ASP A 238 20.62 -8.68 3.04
C ASP A 238 19.43 -7.80 3.51
N VAL A 239 19.73 -6.62 4.04
CA VAL A 239 18.66 -5.72 4.53
C VAL A 239 17.78 -5.24 3.38
N ASP A 240 18.34 -5.02 2.21
CA ASP A 240 17.49 -4.63 1.08
C ASP A 240 16.53 -5.72 0.61
N GLU A 241 16.94 -6.98 0.70
CA GLU A 241 16.01 -8.03 0.32
C GLU A 241 14.94 -8.20 1.37
N ALA A 242 15.31 -8.10 2.63
CA ALA A 242 14.29 -8.14 3.68
C ALA A 242 13.17 -7.12 3.42
N VAL A 243 13.57 -5.89 3.15
CA VAL A 243 12.63 -4.82 2.82
C VAL A 243 11.89 -5.10 1.50
N ALA A 244 12.54 -5.63 0.51
CA ALA A 244 11.86 -5.85 -0.75
C ALA A 244 10.80 -6.92 -0.65
N LEU A 245 11.11 -7.99 0.06
CA LEU A 245 10.16 -9.03 0.24
C LEU A 245 8.92 -8.49 0.98
N VAL A 246 9.16 -7.73 2.03
CA VAL A 246 8.07 -7.18 2.84
C VAL A 246 7.22 -6.20 2.02
N SER A 247 7.87 -5.38 1.18
CA SER A 247 7.19 -4.39 0.32
C SER A 247 6.32 -5.01 -0.78
N LYS A 248 6.75 -6.17 -1.20
CA LYS A 248 6.11 -6.88 -2.26
C LYS A 248 4.91 -7.59 -1.72
N GLU A 249 5.02 -8.10 -0.51
CA GLU A 249 4.03 -9.03 0.00
C GLU A 249 2.98 -8.41 0.91
N ALA A 250 3.30 -7.32 1.61
CA ALA A 250 2.39 -6.72 2.58
C ALA A 250 1.32 -5.79 1.99
N GLY A 251 0.14 -5.80 2.59
CA GLY A 251 -0.76 -4.66 2.49
C GLY A 251 -1.33 -4.56 1.12
N ARG A 252 -1.68 -3.33 0.71
CA ARG A 252 -2.41 -3.07 -0.54
C ARG A 252 -3.73 -3.91 -0.69
N LEU A 253 -4.58 -3.86 0.35
CA LEU A 253 -5.79 -4.73 0.50
C LEU A 253 -7.06 -3.86 0.41
N ARG B 11 -53.43 15.97 24.23
CA ARG B 11 -53.05 14.97 25.22
C ARG B 11 -51.60 14.58 25.13
N PRO B 12 -50.90 15.00 24.08
CA PRO B 12 -49.46 14.76 24.04
C PRO B 12 -48.95 15.61 25.19
N PRO B 13 -48.21 15.00 26.07
CA PRO B 13 -47.70 15.59 27.30
C PRO B 13 -47.14 17.00 27.31
N GLU B 14 -47.30 17.62 28.45
CA GLU B 14 -46.75 18.91 28.68
C GLU B 14 -45.49 18.76 29.48
N GLU B 15 -45.36 17.62 30.14
CA GLU B 15 -44.17 17.31 30.92
C GLU B 15 -43.85 15.83 30.77
N GLN B 16 -42.60 15.48 30.47
CA GLN B 16 -42.19 14.07 30.35
C GLN B 16 -41.06 13.84 31.33
N ARG B 17 -41.17 12.79 32.13
CA ARG B 17 -40.07 12.33 32.99
C ARG B 17 -39.60 10.97 32.55
N LEU B 18 -38.43 10.91 31.93
CA LEU B 18 -37.93 9.71 31.35
C LEU B 18 -36.60 9.55 32.03
N GLY B 19 -36.60 8.80 33.11
CA GLY B 19 -35.41 8.56 33.86
C GLY B 19 -34.93 9.82 34.51
N PRO B 20 -33.65 10.16 34.31
CA PRO B 20 -33.14 11.38 34.90
C PRO B 20 -33.45 12.62 34.08
N VAL B 21 -34.08 12.46 32.92
CA VAL B 21 -34.33 13.53 31.97
C VAL B 21 -35.72 14.19 32.19
N LEU B 22 -35.78 15.52 32.10
CA LEU B 22 -37.04 16.29 32.18
C LEU B 22 -37.28 16.99 30.85
N ARG B 23 -38.46 16.80 30.25
CA ARG B 23 -38.82 17.57 29.06
C ARG B 23 -40.14 18.25 29.28
N ARG B 24 -40.15 19.54 29.03
CA ARG B 24 -41.37 20.34 29.14
C ARG B 24 -41.67 21.09 27.87
N ARG B 25 -42.95 21.34 27.66
CA ARG B 25 -43.44 22.17 26.54
C ARG B 25 -42.83 21.82 25.19
N GLY B 26 -42.16 22.74 24.53
CA GLY B 26 -41.62 22.48 23.21
C GLY B 26 -40.53 21.43 23.18
N GLN B 27 -39.89 21.17 24.30
CA GLN B 27 -38.83 20.21 24.35
C GLN B 27 -39.33 18.74 24.55
N VAL B 28 -40.61 18.55 24.83
CA VAL B 28 -41.23 17.21 24.76
C VAL B 28 -41.14 16.61 23.35
N GLN B 29 -40.89 15.32 23.22
CA GLN B 29 -40.77 14.74 21.90
C GLN B 29 -42.09 14.24 21.39
N GLU B 30 -42.20 14.16 20.07
CA GLU B 30 -43.46 13.75 19.40
C GLU B 30 -43.58 12.24 19.24
N SER B 31 -42.46 11.53 19.29
CA SER B 31 -42.45 10.08 19.26
C SER B 31 -41.92 9.57 20.57
N THR B 32 -42.23 8.31 20.86
CA THR B 32 -41.72 7.61 22.04
C THR B 32 -40.29 7.08 21.79
N THR B 33 -39.51 6.96 22.86
CA THR B 33 -38.14 6.46 22.80
C THR B 33 -38.16 5.06 22.19
N ASP B 34 -39.04 4.21 22.72
CA ASP B 34 -39.18 2.83 22.24
C ASP B 34 -39.50 2.74 20.76
N GLN B 35 -40.39 3.59 20.26
CA GLN B 35 -40.80 3.45 18.88
C GLN B 35 -39.67 3.74 17.96
N ARG B 36 -38.85 4.73 18.30
CA ARG B 36 -37.66 4.99 17.50
C ARG B 36 -36.71 3.80 17.51
N LEU B 37 -36.59 3.14 18.65
CA LEU B 37 -35.75 1.96 18.81
C LEU B 37 -36.26 0.73 18.08
N LEU B 38 -37.56 0.52 18.09
CA LEU B 38 -38.16 -0.75 17.62
C LEU B 38 -38.64 -0.75 16.15
N ASP B 39 -38.80 0.44 15.56
CA ASP B 39 -39.24 0.63 14.16
C ASP B 39 -38.08 0.91 13.23
N GLU B 40 -37.16 1.76 13.69
CA GLU B 40 -36.14 2.35 12.83
C GLU B 40 -35.06 1.39 12.44
N ARG B 41 -35.00 1.02 11.17
CA ARG B 41 -33.73 0.48 10.63
C ARG B 41 -33.09 1.61 9.76
N ALA B 42 -31.83 1.87 10.05
CA ALA B 42 -31.12 3.01 9.49
C ALA B 42 -29.98 2.36 8.76
N PRO B 43 -29.09 3.19 8.18
CA PRO B 43 -27.83 2.67 7.69
C PRO B 43 -27.07 1.93 8.80
N THR B 44 -26.36 0.89 8.39
CA THR B 44 -25.67 -0.02 9.29
C THR B 44 -24.17 -0.11 8.97
N ASP B 45 -23.56 1.01 8.64
CA ASP B 45 -22.12 1.06 8.47
C ASP B 45 -21.39 0.66 9.73
N TRP B 46 -21.88 1.17 10.87
CA TRP B 46 -21.27 1.01 12.18
C TRP B 46 -20.90 -0.44 12.52
N VAL B 47 -21.67 -1.46 12.05
CA VAL B 47 -21.30 -2.86 12.39
C VAL B 47 -19.94 -3.26 11.85
N HIS B 48 -19.45 -2.53 10.85
CA HIS B 48 -18.17 -2.91 10.25
C HIS B 48 -17.07 -1.98 10.67
N THR B 49 -17.17 -1.39 11.85
CA THR B 49 -16.15 -0.47 12.28
C THR B 49 -15.48 -0.97 13.52
N ASP B 50 -14.25 -0.51 13.73
CA ASP B 50 -13.52 -0.88 14.95
C ASP B 50 -14.14 -0.58 16.34
N PRO B 51 -14.82 0.58 16.51
CA PRO B 51 -15.46 0.87 17.79
C PRO B 51 -16.49 -0.19 18.12
N TRP B 52 -17.24 -0.68 17.12
CA TRP B 52 -18.18 -1.76 17.35
C TRP B 52 -17.46 -3.09 17.57
N ARG B 53 -16.36 -3.30 16.91
CA ARG B 53 -15.60 -4.52 17.10
C ARG B 53 -15.09 -4.63 18.50
N VAL B 54 -14.75 -3.52 19.09
CA VAL B 54 -14.30 -3.45 20.46
C VAL B 54 -15.40 -3.93 21.43
N LEU B 55 -16.64 -3.62 21.13
CA LEU B 55 -17.77 -4.09 21.94
C LEU B 55 -18.00 -5.58 21.76
N ARG B 56 -17.72 -6.09 20.57
CA ARG B 56 -17.80 -7.50 20.26
C ARG B 56 -16.76 -8.32 20.96
N ILE B 57 -15.53 -7.82 20.98
CA ILE B 57 -14.42 -8.43 21.66
C ILE B 57 -14.69 -8.50 23.15
N GLN B 58 -15.16 -7.39 23.72
CA GLN B 58 -15.49 -7.33 25.12
C GLN B 58 -16.59 -8.34 25.46
N SER B 59 -17.60 -8.44 24.61
CA SER B 59 -18.64 -9.45 24.81
C SER B 59 -18.10 -10.89 24.88
N GLU B 60 -17.15 -11.19 24.01
CA GLU B 60 -16.55 -12.50 23.98
C GLU B 60 -15.73 -12.80 25.23
N PHE B 61 -15.03 -11.82 25.75
CA PHE B 61 -14.39 -11.96 27.07
C PHE B 61 -15.42 -12.23 28.13
N ILE B 62 -16.50 -11.45 28.13
CA ILE B 62 -17.54 -11.63 29.11
C ILE B 62 -18.10 -13.02 29.05
N GLU B 63 -18.31 -13.55 27.84
CA GLU B 63 -18.91 -14.88 27.64
C GLU B 63 -17.97 -15.95 28.13
N GLY B 64 -16.69 -15.79 27.81
CA GLY B 64 -15.67 -16.69 28.32
C GLY B 64 -15.65 -16.79 29.84
N PHE B 65 -15.53 -15.67 30.54
CA PHE B 65 -15.42 -15.70 31.98
C PHE B 65 -16.66 -16.26 32.65
N GLY B 66 -17.79 -16.07 31.99
CA GLY B 66 -19.06 -16.49 32.48
C GLY B 66 -19.12 -18.00 32.37
N THR B 67 -18.70 -18.56 31.22
CA THR B 67 -18.86 -19.99 31.08
C THR B 67 -17.74 -20.75 31.78
N LEU B 68 -16.62 -20.11 32.10
CA LEU B 68 -15.54 -20.77 32.80
C LEU B 68 -15.47 -20.34 34.27
N ALA B 69 -16.57 -19.82 34.80
CA ALA B 69 -16.57 -19.23 36.14
C ALA B 69 -16.31 -20.19 37.28
N GLU B 70 -16.71 -21.46 37.11
CA GLU B 70 -16.60 -22.43 38.18
C GLU B 70 -15.67 -23.55 37.77
N LEU B 71 -14.73 -23.24 36.90
CA LEU B 71 -13.70 -24.22 36.55
C LEU B 71 -12.87 -24.47 37.76
N PRO B 72 -12.53 -25.73 38.06
CA PRO B 72 -11.52 -26.01 39.09
C PRO B 72 -10.12 -25.83 38.52
N PRO B 73 -9.07 -26.01 39.32
CA PRO B 73 -7.69 -25.97 38.88
C PRO B 73 -7.46 -26.79 37.63
N ALA B 74 -6.77 -26.23 36.63
CA ALA B 74 -6.61 -26.93 35.35
C ALA B 74 -5.23 -26.88 34.81
N ILE B 75 -4.96 -27.76 33.86
CA ILE B 75 -3.74 -27.74 33.06
C ILE B 75 -4.14 -27.64 31.59
N SER B 76 -3.45 -26.83 30.82
CA SER B 76 -3.78 -26.65 29.40
C SER B 76 -2.84 -27.51 28.58
N VAL B 77 -3.42 -28.35 27.72
CA VAL B 77 -2.66 -29.32 26.92
C VAL B 77 -2.73 -28.99 25.45
N PHE B 78 -1.58 -29.07 24.79
CA PHE B 78 -1.41 -28.67 23.40
C PHE B 78 -0.69 -29.77 22.69
N GLY B 79 -0.85 -29.76 21.39
CA GLY B 79 -0.24 -30.75 20.56
C GLY B 79 -0.93 -30.73 19.23
N SER B 80 -0.31 -31.40 18.27
CA SER B 80 -0.78 -31.47 16.88
C SER B 80 -2.23 -31.85 16.71
N ALA B 81 -2.86 -31.15 15.78
CA ALA B 81 -4.22 -31.43 15.31
C ALA B 81 -4.30 -32.70 14.45
N ARG B 82 -3.17 -33.09 13.86
CA ARG B 82 -3.11 -34.08 12.83
C ARG B 82 -2.72 -35.45 13.35
N THR B 83 -2.38 -35.57 14.62
CA THR B 83 -1.96 -36.84 15.18
C THR B 83 -3.04 -37.92 14.94
N PRO B 84 -2.68 -39.05 14.26
CA PRO B 84 -3.59 -40.19 14.05
C PRO B 84 -3.94 -40.90 15.35
N ALA B 85 -5.15 -41.45 15.41
CA ALA B 85 -5.67 -42.07 16.64
C ALA B 85 -5.04 -43.43 17.00
N ASP B 86 -4.40 -44.10 16.01
CA ASP B 86 -3.63 -45.35 16.22
C ASP B 86 -2.18 -45.14 16.71
N SER B 87 -1.83 -43.88 16.97
CA SER B 87 -0.47 -43.43 17.18
C SER B 87 -0.05 -43.59 18.66
N PRO B 88 1.27 -43.77 18.90
CA PRO B 88 1.84 -43.76 20.25
C PRO B 88 1.77 -42.37 20.87
N GLU B 89 1.91 -41.32 20.06
CA GLU B 89 1.66 -39.94 20.55
C GLU B 89 0.22 -39.77 21.08
N TYR B 90 -0.73 -40.33 20.33
CA TYR B 90 -2.12 -40.24 20.68
C TYR B 90 -2.38 -40.98 21.97
N ASP B 91 -1.80 -42.19 22.09
CA ASP B 91 -1.99 -42.99 23.30
C ASP B 91 -1.41 -42.23 24.50
N ALA B 92 -0.26 -41.60 24.31
CA ALA B 92 0.34 -40.77 25.36
C ALA B 92 -0.60 -39.62 25.81
N GLY B 93 -1.27 -38.96 24.86
CA GLY B 93 -2.24 -37.93 25.18
C GLY B 93 -3.42 -38.39 25.99
N VAL B 94 -3.92 -39.59 25.71
CA VAL B 94 -5.03 -40.14 26.54
C VAL B 94 -4.53 -40.41 27.98
N ARG B 95 -3.35 -41.02 28.02
N ARG B 95 -3.35 -41.02 28.02
CA ARG B 95 -2.69 -41.38 29.28
CA ARG B 95 -2.69 -41.40 29.27
C ARG B 95 -2.50 -40.15 30.17
C ARG B 95 -2.48 -40.16 30.17
N LEU B 96 -2.13 -39.07 29.54
CA LEU B 96 -1.87 -37.79 30.18
C LEU B 96 -3.15 -37.06 30.65
N GLY B 97 -4.15 -37.02 29.79
CA GLY B 97 -5.45 -36.54 30.19
C GLY B 97 -5.94 -37.20 31.45
N ARG B 98 -5.74 -38.51 31.49
CA ARG B 98 -6.16 -39.33 32.65
C ARG B 98 -5.31 -39.02 33.84
N GLY B 99 -4.01 -38.99 33.59
CA GLY B 99 -3.04 -38.63 34.60
C GLY B 99 -3.41 -37.35 35.32
N LEU B 100 -3.75 -36.31 34.54
CA LEU B 100 -4.04 -34.97 35.11
C LEU B 100 -5.30 -34.94 35.94
N VAL B 101 -6.32 -35.65 35.48
CA VAL B 101 -7.59 -35.75 36.21
C VAL B 101 -7.34 -36.35 37.60
N GLU B 102 -6.65 -37.50 37.59
CA GLU B 102 -6.29 -38.23 38.81
C GLU B 102 -5.47 -37.37 39.75
N ALA B 103 -4.68 -36.44 39.22
CA ALA B 103 -3.94 -35.47 40.05
C ALA B 103 -4.77 -34.29 40.58
N GLY B 104 -6.06 -34.22 40.24
CA GLY B 104 -6.92 -33.14 40.68
C GLY B 104 -7.11 -31.98 39.72
N PHE B 105 -6.60 -32.08 38.50
CA PHE B 105 -6.73 -30.99 37.52
C PHE B 105 -7.85 -31.19 36.53
N ALA B 106 -8.43 -30.08 36.06
CA ALA B 106 -9.23 -30.12 34.83
C ALA B 106 -8.33 -30.14 33.60
N VAL B 107 -8.83 -30.64 32.49
CA VAL B 107 -8.00 -30.59 31.30
C VAL B 107 -8.56 -29.62 30.28
N ILE B 108 -7.75 -28.64 29.88
CA ILE B 108 -8.13 -27.65 28.89
C ILE B 108 -7.39 -27.88 27.58
N THR B 109 -8.10 -27.95 26.47
CA THR B 109 -7.42 -28.01 25.17
C THR B 109 -8.00 -27.06 24.12
N GLY B 110 -7.39 -27.09 22.94
CA GLY B 110 -7.99 -26.38 21.81
C GLY B 110 -9.31 -26.90 21.30
N GLY B 111 -9.76 -28.07 21.78
CA GLY B 111 -11.02 -28.67 21.34
C GLY B 111 -10.92 -29.29 19.96
N GLY B 112 -9.73 -29.37 19.39
CA GLY B 112 -9.57 -29.95 18.08
C GLY B 112 -9.49 -31.46 18.06
N PRO B 113 -9.11 -32.02 16.93
CA PRO B 113 -8.75 -33.41 16.74
C PRO B 113 -7.30 -33.69 17.18
N GLY B 114 -6.81 -34.89 16.85
CA GLY B 114 -5.45 -35.33 17.16
C GLY B 114 -5.12 -35.39 18.66
N ALA B 115 -3.95 -34.87 19.01
CA ALA B 115 -3.50 -34.80 20.39
C ALA B 115 -4.45 -34.03 21.32
N MET B 116 -5.15 -33.03 20.81
CA MET B 116 -6.15 -32.32 21.64
C MET B 116 -7.26 -33.27 22.06
N GLU B 117 -7.78 -33.98 21.07
CA GLU B 117 -8.83 -34.97 21.27
C GLU B 117 -8.36 -36.07 22.21
N ALA B 118 -7.13 -36.55 21.98
CA ALA B 118 -6.47 -37.51 22.90
C ALA B 118 -6.57 -37.08 24.34
N ALA B 119 -6.13 -35.88 24.63
CA ALA B 119 -6.17 -35.41 26.02
C ALA B 119 -7.63 -35.29 26.57
N ASN B 120 -8.53 -34.72 25.76
CA ASN B 120 -9.92 -34.60 26.23
C ASN B 120 -10.51 -36.00 26.49
N LYS B 121 -10.20 -36.94 25.60
CA LYS B 121 -10.63 -38.30 25.74
C LYS B 121 -10.18 -38.91 27.05
N GLY B 122 -8.89 -38.81 27.31
CA GLY B 122 -8.30 -39.27 28.55
C GLY B 122 -8.98 -38.67 29.75
N ALA B 123 -9.32 -37.39 29.71
CA ALA B 123 -9.89 -36.73 30.87
C ALA B 123 -11.28 -37.23 31.22
N LEU B 124 -11.98 -37.70 30.19
CA LEU B 124 -13.33 -38.28 30.33
C LEU B 124 -13.27 -39.70 30.87
N GLU B 125 -12.36 -40.50 30.33
CA GLU B 125 -12.11 -41.85 30.86
C GLU B 125 -11.95 -41.86 32.38
N ALA B 126 -11.29 -40.83 32.92
CA ALA B 126 -11.06 -40.68 34.35
C ALA B 126 -12.17 -39.90 35.04
N LYS B 127 -13.30 -39.71 34.35
CA LYS B 127 -14.46 -39.01 34.88
C LYS B 127 -14.13 -37.61 35.44
N GLY B 128 -13.28 -36.87 34.75
CA GLY B 128 -12.91 -35.51 35.19
C GLY B 128 -13.60 -34.48 34.33
N THR B 129 -13.22 -33.22 34.50
CA THR B 129 -13.78 -32.14 33.69
C THR B 129 -12.88 -31.86 32.46
N SER B 130 -13.50 -31.99 31.28
CA SER B 130 -12.81 -31.93 29.96
C SER B 130 -13.22 -30.68 29.20
N VAL B 131 -12.29 -29.72 29.04
CA VAL B 131 -12.57 -28.40 28.42
C VAL B 131 -11.97 -28.31 27.00
N GLY B 132 -12.80 -27.79 26.11
CA GLY B 132 -12.39 -27.53 24.72
C GLY B 132 -12.69 -26.10 24.32
N LEU B 133 -11.63 -25.29 24.19
CA LEU B 133 -11.74 -23.89 23.78
C LEU B 133 -11.43 -23.82 22.31
N GLY B 134 -12.47 -23.83 21.48
CA GLY B 134 -12.29 -23.82 20.02
C GLY B 134 -11.97 -22.47 19.43
N ILE B 135 -11.63 -22.47 18.15
CA ILE B 135 -11.40 -21.26 17.45
C ILE B 135 -11.97 -21.42 16.05
N GLU B 136 -12.59 -20.36 15.56
CA GLU B 136 -13.08 -20.30 14.19
C GLU B 136 -11.94 -20.59 13.20
N LEU B 137 -12.19 -21.43 12.22
CA LEU B 137 -11.27 -21.76 11.15
C LEU B 137 -11.98 -21.61 9.81
N PRO B 138 -11.22 -21.52 8.72
CA PRO B 138 -11.82 -21.29 7.42
C PRO B 138 -12.46 -22.55 6.81
N PHE B 139 -12.25 -23.69 7.44
CA PHE B 139 -12.88 -24.94 7.00
C PHE B 139 -13.75 -25.55 8.10
N GLU B 140 -14.55 -26.54 7.70
CA GLU B 140 -15.49 -27.17 8.64
C GLU B 140 -14.71 -27.98 9.66
N GLN B 141 -14.94 -27.72 10.94
CA GLN B 141 -14.30 -28.52 11.98
C GLN B 141 -15.00 -28.16 13.30
N GLY B 142 -15.72 -29.11 13.89
CA GLY B 142 -16.40 -28.95 15.19
C GLY B 142 -15.51 -29.37 16.34
N LEU B 143 -15.95 -29.06 17.54
CA LEU B 143 -15.26 -29.50 18.75
C LEU B 143 -15.27 -31.01 18.78
N ASN B 144 -14.27 -31.62 19.43
CA ASN B 144 -14.10 -33.04 19.41
C ASN B 144 -15.10 -33.68 20.37
N PRO B 145 -15.39 -34.98 20.16
CA PRO B 145 -16.49 -35.67 20.85
C PRO B 145 -16.29 -35.86 22.33
N TYR B 146 -15.06 -35.71 22.81
CA TYR B 146 -14.80 -35.80 24.26
C TYR B 146 -14.71 -34.47 24.94
N VAL B 147 -15.13 -33.40 24.25
CA VAL B 147 -15.19 -32.10 24.93
C VAL B 147 -16.45 -32.02 25.76
N ASP B 148 -16.33 -31.62 27.01
CA ASP B 148 -17.51 -31.44 27.86
C ASP B 148 -17.94 -29.96 28.08
N ILE B 149 -17.06 -29.14 28.59
CA ILE B 149 -17.29 -27.69 28.60
C ILE B 149 -16.68 -27.13 27.32
N GLY B 150 -17.55 -26.72 26.38
CA GLY B 150 -17.14 -26.25 25.04
C GLY B 150 -17.47 -24.79 24.74
N LEU B 151 -16.50 -24.06 24.17
CA LEU B 151 -16.76 -22.77 23.52
C LEU B 151 -16.01 -22.71 22.26
N ASN B 152 -16.56 -22.00 21.29
CA ASN B 152 -15.89 -21.64 20.06
C ASN B 152 -15.68 -20.16 20.04
N PHE B 153 -14.43 -19.76 20.22
CA PHE B 153 -14.07 -18.34 20.20
C PHE B 153 -13.91 -17.89 18.77
N ARG B 154 -14.22 -16.62 18.54
CA ARG B 154 -13.89 -16.05 17.26
C ARG B 154 -12.71 -15.09 17.24
N TYR B 155 -12.30 -14.63 18.40
CA TYR B 155 -11.07 -13.86 18.51
C TYR B 155 -9.94 -14.66 19.16
N PHE B 156 -8.95 -14.99 18.33
CA PHE B 156 -7.70 -15.63 18.67
C PHE B 156 -7.09 -15.19 20.00
N PHE B 157 -7.05 -13.88 20.19
CA PHE B 157 -6.34 -13.24 21.28
C PHE B 157 -7.14 -13.23 22.53
N VAL B 158 -8.43 -13.40 22.41
CA VAL B 158 -9.26 -13.67 23.56
C VAL B 158 -8.98 -15.09 24.02
N ARG B 159 -9.00 -16.04 23.10
CA ARG B 159 -8.74 -17.42 23.49
C ARG B 159 -7.38 -17.61 24.14
N LYS B 160 -6.35 -16.94 23.63
CA LYS B 160 -4.98 -17.05 24.20
C LYS B 160 -4.89 -16.77 25.68
N MET B 161 -5.66 -15.79 26.10
CA MET B 161 -5.64 -15.41 27.47
C MET B 161 -6.39 -16.41 28.34
N MET B 162 -7.37 -17.12 27.80
CA MET B 162 -8.11 -18.13 28.59
C MET B 162 -7.25 -19.38 28.95
N PHE B 163 -6.34 -19.73 28.04
CA PHE B 163 -5.42 -20.85 28.21
C PHE B 163 -4.52 -20.62 29.39
N VAL B 164 -4.13 -19.38 29.66
CA VAL B 164 -3.26 -19.08 30.81
C VAL B 164 -4.00 -18.79 32.10
N LYS B 165 -5.05 -18.01 32.01
CA LYS B 165 -5.82 -17.57 33.16
C LYS B 165 -6.43 -18.71 33.96
N TYR B 166 -6.88 -19.75 33.27
CA TYR B 166 -7.61 -20.86 33.94
C TYR B 166 -6.72 -22.05 34.17
N ALA B 167 -5.46 -21.98 33.78
CA ALA B 167 -4.52 -23.07 33.97
C ALA B 167 -3.41 -22.69 34.94
N GLN B 168 -2.76 -23.71 35.52
CA GLN B 168 -1.53 -23.54 36.29
C GLN B 168 -0.33 -24.17 35.65
N GLY B 169 -0.44 -24.68 34.43
CA GLY B 169 0.73 -25.14 33.72
C GLY B 169 0.36 -25.65 32.36
N PHE B 170 1.39 -25.85 31.53
CA PHE B 170 1.20 -26.42 30.19
C PHE B 170 1.87 -27.78 30.08
N VAL B 171 1.22 -28.66 29.34
CA VAL B 171 1.86 -29.85 28.86
C VAL B 171 1.75 -29.82 27.34
N VAL B 172 2.85 -30.09 26.69
CA VAL B 172 2.91 -29.86 25.31
C VAL B 172 3.31 -31.14 24.67
N LEU B 173 2.35 -31.78 24.04
CA LEU B 173 2.64 -32.90 23.16
C LEU B 173 3.25 -32.43 21.85
N PRO B 174 3.91 -33.33 21.13
CA PRO B 174 4.52 -32.97 19.85
C PRO B 174 3.53 -32.25 18.93
N GLY B 175 3.88 -31.05 18.50
CA GLY B 175 2.96 -30.24 17.70
C GLY B 175 3.56 -29.46 16.54
N GLY B 176 2.64 -28.82 15.80
CA GLY B 176 2.98 -27.89 14.73
C GLY B 176 3.13 -26.46 15.17
N LEU B 177 3.07 -25.59 14.19
CA LEU B 177 3.18 -24.15 14.38
C LEU B 177 2.29 -23.61 15.53
N GLY B 178 1.05 -24.06 15.58
CA GLY B 178 0.11 -23.61 16.64
C GLY B 178 0.55 -23.94 18.05
N THR B 179 1.18 -25.09 18.17
CA THR B 179 1.65 -25.60 19.43
C THR B 179 2.88 -24.82 19.87
N LEU B 180 3.80 -24.55 18.95
CA LEU B 180 4.98 -23.73 19.25
C LEU B 180 4.63 -22.31 19.66
N ASP B 181 3.58 -21.76 19.06
CA ASP B 181 3.09 -20.42 19.37
C ASP B 181 2.73 -20.28 20.85
N GLU B 182 1.96 -21.27 21.35
CA GLU B 182 1.63 -21.38 22.79
C GLU B 182 2.84 -21.70 23.65
N LEU B 183 3.67 -22.61 23.20
CA LEU B 183 4.86 -22.96 23.92
C LEU B 183 5.67 -21.72 24.23
N PHE B 184 6.06 -21.02 23.19
CA PHE B 184 6.92 -19.85 23.37
C PHE B 184 6.25 -18.66 24.07
N GLU B 185 4.93 -18.62 24.08
CA GLU B 185 4.18 -17.63 24.81
C GLU B 185 4.32 -17.83 26.33
N ALA B 186 4.12 -19.08 26.77
CA ALA B 186 4.25 -19.46 28.16
C ALA B 186 5.69 -19.27 28.64
N LEU B 187 6.62 -19.63 27.79
CA LEU B 187 7.99 -19.44 28.10
C LEU B 187 8.32 -17.97 28.35
N THR B 188 7.86 -17.03 27.52
CA THR B 188 8.30 -15.65 27.72
C THR B 188 7.54 -15.05 28.89
N LEU B 189 6.32 -15.51 29.09
CA LEU B 189 5.54 -15.10 30.21
C LEU B 189 6.25 -15.50 31.48
N VAL B 190 6.86 -16.68 31.50
CA VAL B 190 7.56 -17.16 32.70
C VAL B 190 8.93 -16.50 32.81
N GLN B 191 9.67 -16.42 31.69
CA GLN B 191 10.94 -15.72 31.65
C GLN B 191 10.85 -14.27 32.10
N THR B 192 9.80 -13.56 31.74
CA THR B 192 9.70 -12.17 32.12
C THR B 192 9.07 -11.96 33.48
N GLN B 193 8.63 -13.06 34.09
CA GLN B 193 8.04 -13.12 35.43
C GLN B 193 6.69 -12.45 35.49
N LYS B 194 5.98 -12.41 34.35
CA LYS B 194 4.56 -12.04 34.31
C LYS B 194 3.72 -13.15 34.84
N VAL B 195 4.24 -14.35 34.77
CA VAL B 195 3.59 -15.48 35.37
C VAL B 195 4.65 -16.20 36.26
N THR B 196 4.16 -16.84 37.30
CA THR B 196 5.02 -17.49 38.25
C THR B 196 4.42 -18.87 38.59
N ARG B 197 5.29 -19.81 38.98
CA ARG B 197 4.88 -21.16 39.41
C ARG B 197 4.02 -21.86 38.36
N PHE B 198 4.55 -21.85 37.15
CA PHE B 198 3.83 -22.26 35.96
C PHE B 198 4.67 -23.25 35.20
N PRO B 199 4.57 -24.53 35.62
CA PRO B 199 5.30 -25.60 35.00
C PRO B 199 4.95 -25.79 33.56
N ILE B 200 5.97 -25.95 32.75
CA ILE B 200 5.83 -26.20 31.33
C ILE B 200 6.56 -27.51 31.03
N VAL B 201 5.87 -28.50 30.52
CA VAL B 201 6.46 -29.81 30.25
C VAL B 201 6.29 -30.19 28.79
N LEU B 202 7.36 -30.55 28.11
CA LEU B 202 7.25 -31.06 26.73
C LEU B 202 7.29 -32.58 26.73
N PHE B 203 6.45 -33.23 25.95
CA PHE B 203 6.46 -34.67 25.88
C PHE B 203 7.05 -35.10 24.54
N GLY B 204 8.09 -35.93 24.57
CA GLY B 204 8.68 -36.53 23.36
C GLY B 204 10.08 -36.05 23.14
N SER B 205 11.07 -36.69 23.75
CA SER B 205 12.46 -36.20 23.66
C SER B 205 13.10 -36.27 22.24
N GLU B 206 12.71 -37.27 21.43
CA GLU B 206 13.20 -37.37 20.05
C GLU B 206 12.56 -36.32 19.18
N TYR B 207 11.32 -35.96 19.51
CA TYR B 207 10.64 -34.87 18.80
C TYR B 207 11.22 -33.48 19.11
N TRP B 208 11.26 -33.16 20.41
CA TRP B 208 11.71 -31.84 20.88
C TRP B 208 13.22 -31.62 20.96
N GLY B 209 14.00 -32.69 20.80
CA GLY B 209 15.43 -32.62 20.97
C GLY B 209 16.17 -31.72 20.00
N GLY B 210 15.76 -31.69 18.74
CA GLY B 210 16.38 -30.81 17.76
C GLY B 210 16.12 -29.33 18.04
N LEU B 211 14.95 -29.05 18.61
CA LEU B 211 14.60 -27.69 18.99
C LEU B 211 15.46 -27.24 20.18
N VAL B 212 15.44 -28.02 21.26
CA VAL B 212 16.29 -27.77 22.43
C VAL B 212 17.79 -27.62 22.07
N ASP B 213 18.27 -28.40 21.12
CA ASP B 213 19.68 -28.28 20.67
C ASP B 213 20.00 -27.00 20.01
N TRP B 214 19.04 -26.45 19.26
CA TRP B 214 19.20 -25.14 18.61
C TRP B 214 19.10 -24.03 19.66
N LEU B 215 18.16 -24.14 20.59
CA LEU B 215 18.05 -23.16 21.69
C LEU B 215 19.35 -23.02 22.45
N ARG B 216 20.01 -24.14 22.74
CA ARG B 216 21.31 -24.17 23.45
C ARG B 216 22.47 -23.75 22.53
N GLY B 217 22.59 -24.44 21.40
CA GLY B 217 23.69 -24.24 20.45
C GLY B 217 23.71 -22.94 19.64
N THR B 218 22.54 -22.32 19.48
CA THR B 218 22.46 -20.96 18.88
C THR B 218 22.00 -19.87 19.85
N LEU B 219 20.83 -19.96 20.48
CA LEU B 219 20.34 -18.83 21.31
C LEU B 219 21.20 -18.57 22.57
N VAL B 220 21.36 -19.60 23.40
CA VAL B 220 22.10 -19.46 24.65
C VAL B 220 23.58 -19.17 24.35
N ALA B 221 24.10 -19.86 23.34
CA ALA B 221 25.47 -19.75 22.97
C ALA B 221 25.82 -18.34 22.46
N GLN B 222 24.85 -17.58 21.96
CA GLN B 222 25.10 -16.21 21.46
C GLN B 222 24.58 -15.13 22.38
N GLY B 223 24.10 -15.50 23.57
CA GLY B 223 23.62 -14.49 24.54
C GLY B 223 22.18 -14.02 24.46
N LYS B 224 21.34 -14.65 23.60
CA LYS B 224 19.93 -14.24 23.43
C LYS B 224 19.07 -14.80 24.55
N ALA B 225 19.48 -15.95 25.07
CA ALA B 225 18.89 -16.51 26.30
C ALA B 225 20.03 -16.90 27.25
N ALA B 226 19.66 -17.13 28.51
CA ALA B 226 20.58 -17.64 29.51
C ALA B 226 20.41 -19.16 29.57
N GLU B 227 21.43 -19.87 30.06
CA GLU B 227 21.27 -21.33 30.25
C GLU B 227 20.14 -21.67 31.24
N LYS B 228 19.99 -20.89 32.31
CA LYS B 228 18.91 -21.08 33.27
C LYS B 228 17.50 -20.88 32.67
N ASP B 229 17.41 -20.23 31.51
CA ASP B 229 16.13 -20.05 30.78
C ASP B 229 15.62 -21.37 30.16
N LEU B 230 16.54 -22.30 29.90
CA LEU B 230 16.19 -23.67 29.45
C LEU B 230 15.70 -24.62 30.56
N MET B 231 15.76 -24.17 31.81
CA MET B 231 15.19 -24.85 32.96
C MET B 231 13.71 -24.54 33.17
N LEU B 232 13.17 -23.64 32.35
CA LEU B 232 11.77 -23.22 32.47
C LEU B 232 10.80 -24.25 31.91
N PHE B 233 11.33 -25.26 31.26
CA PHE B 233 10.56 -26.39 30.85
C PHE B 233 11.32 -27.68 31.15
N HIS B 234 10.65 -28.82 31.15
CA HIS B 234 11.30 -30.14 31.27
C HIS B 234 10.88 -30.94 30.05
N VAL B 235 11.77 -31.76 29.53
CA VAL B 235 11.46 -32.67 28.47
C VAL B 235 11.41 -34.09 29.05
N THR B 236 10.39 -34.85 28.69
CA THR B 236 10.20 -36.19 29.20
C THR B 236 9.51 -37.10 28.19
N ASP B 237 9.70 -38.39 28.36
CA ASP B 237 8.95 -39.37 27.59
C ASP B 237 7.99 -40.13 28.49
N ASP B 238 7.90 -39.76 29.77
CA ASP B 238 7.16 -40.53 30.71
C ASP B 238 5.94 -39.73 31.19
N VAL B 239 4.78 -40.29 30.93
CA VAL B 239 3.54 -39.64 31.22
C VAL B 239 3.44 -39.45 32.72
N ASP B 240 3.77 -40.50 33.48
CA ASP B 240 3.70 -40.37 34.95
C ASP B 240 4.71 -39.35 35.55
N GLU B 241 5.86 -39.16 34.89
CA GLU B 241 6.79 -38.07 35.27
C GLU B 241 6.18 -36.67 34.97
N ALA B 242 5.68 -36.51 33.74
CA ALA B 242 5.02 -35.25 33.34
C ALA B 242 3.97 -34.83 34.29
N VAL B 243 3.12 -35.77 34.69
CA VAL B 243 2.05 -35.44 35.63
C VAL B 243 2.58 -35.05 36.97
N ALA B 244 3.64 -35.72 37.41
CA ALA B 244 4.21 -35.45 38.72
C ALA B 244 4.84 -34.05 38.78
N LEU B 245 5.58 -33.73 37.70
CA LEU B 245 6.22 -32.43 37.56
C LEU B 245 5.23 -31.30 37.70
N VAL B 246 4.10 -31.44 37.01
CA VAL B 246 3.08 -30.42 36.99
C VAL B 246 2.44 -30.27 38.36
N SER B 247 2.11 -31.37 39.05
CA SER B 247 1.45 -31.30 40.37
C SER B 247 2.38 -30.77 41.45
N LYS B 248 3.66 -31.13 41.34
CA LYS B 248 4.68 -30.56 42.23
C LYS B 248 4.72 -29.02 42.09
N GLU B 249 5.03 -28.54 40.89
CA GLU B 249 5.19 -27.09 40.60
C GLU B 249 3.91 -26.18 40.58
N ALA B 250 2.73 -26.67 40.16
CA ALA B 250 1.50 -25.82 40.03
C ALA B 250 0.83 -25.52 41.36
N ASP C 45 -21.94 24.63 -37.69
CA ASP C 45 -21.96 23.20 -37.28
C ASP C 45 -21.58 23.06 -35.82
N TRP C 46 -22.59 22.86 -35.00
CA TRP C 46 -22.45 22.79 -33.54
C TRP C 46 -21.34 21.86 -33.00
N VAL C 47 -21.04 20.75 -33.67
CA VAL C 47 -20.14 19.72 -33.10
C VAL C 47 -18.67 20.15 -33.07
N HIS C 48 -18.32 21.17 -33.84
CA HIS C 48 -16.96 21.73 -33.83
C HIS C 48 -16.91 23.07 -33.11
N THR C 49 -17.57 23.16 -31.98
CA THR C 49 -17.56 24.38 -31.22
C THR C 49 -17.19 24.04 -29.81
N ASP C 50 -16.68 25.03 -29.11
CA ASP C 50 -16.15 24.82 -27.76
C ASP C 50 -17.25 24.43 -26.74
N PRO C 51 -18.49 24.90 -26.94
CA PRO C 51 -19.48 24.43 -25.99
C PRO C 51 -19.70 22.92 -26.12
N TRP C 52 -19.67 22.37 -27.33
CA TRP C 52 -19.92 20.94 -27.48
C TRP C 52 -18.69 20.16 -27.02
N ARG C 53 -17.54 20.72 -27.31
CA ARG C 53 -16.22 20.19 -26.88
C ARG C 53 -16.16 19.99 -25.37
N VAL C 54 -16.64 20.97 -24.61
CA VAL C 54 -16.59 20.91 -23.17
C VAL C 54 -17.44 19.77 -22.65
N LEU C 55 -18.61 19.57 -23.25
CA LEU C 55 -19.48 18.51 -22.83
C LEU C 55 -18.92 17.14 -23.19
N ARG C 56 -18.16 17.03 -24.28
CA ARG C 56 -17.64 15.73 -24.72
C ARG C 56 -16.46 15.36 -23.89
N ILE C 57 -15.61 16.36 -23.65
CA ILE C 57 -14.44 16.16 -22.81
C ILE C 57 -14.85 15.79 -21.40
N GLN C 58 -15.85 16.48 -20.87
CA GLN C 58 -16.26 16.29 -19.50
C GLN C 58 -16.83 14.89 -19.36
N SER C 59 -17.56 14.45 -20.36
CA SER C 59 -18.16 13.17 -20.27
C SER C 59 -17.10 12.04 -20.28
N GLU C 60 -15.95 12.29 -20.89
CA GLU C 60 -14.88 11.31 -20.83
C GLU C 60 -14.24 11.24 -19.48
N PHE C 61 -14.20 12.33 -18.77
CA PHE C 61 -13.70 12.31 -17.45
C PHE C 61 -14.61 11.48 -16.55
N ILE C 62 -15.89 11.66 -16.76
CA ILE C 62 -16.90 11.03 -15.96
C ILE C 62 -16.90 9.54 -16.18
N GLU C 63 -16.61 9.17 -17.40
CA GLU C 63 -16.59 7.80 -17.80
C GLU C 63 -15.32 7.11 -17.19
N GLY C 64 -14.21 7.85 -17.16
CA GLY C 64 -12.96 7.36 -16.61
C GLY C 64 -12.98 7.34 -15.10
N PHE C 65 -13.52 8.38 -14.49
CA PHE C 65 -13.60 8.43 -13.03
C PHE C 65 -14.55 7.33 -12.55
N GLY C 66 -15.71 7.24 -13.21
CA GLY C 66 -16.71 6.25 -12.86
C GLY C 66 -16.23 4.81 -13.00
N THR C 67 -15.59 4.48 -14.12
CA THR C 67 -15.13 3.16 -14.37
C THR C 67 -13.95 2.83 -13.51
N LEU C 68 -13.06 3.78 -13.22
CA LEU C 68 -11.81 3.44 -12.48
C LEU C 68 -11.81 3.71 -11.00
N ALA C 69 -12.84 4.38 -10.47
CA ALA C 69 -12.84 4.81 -9.05
C ALA C 69 -12.48 3.74 -8.05
N GLU C 70 -12.97 2.51 -8.25
CA GLU C 70 -12.78 1.41 -7.32
C GLU C 70 -11.69 0.41 -7.68
N LEU C 71 -10.76 0.85 -8.51
CA LEU C 71 -9.62 0.04 -8.87
C LEU C 71 -8.72 -0.17 -7.66
N PRO C 72 -8.16 -1.38 -7.49
CA PRO C 72 -7.10 -1.52 -6.49
C PRO C 72 -5.85 -0.79 -6.91
N PRO C 73 -4.88 -0.69 -6.01
CA PRO C 73 -3.59 -0.10 -6.30
C PRO C 73 -3.07 -0.63 -7.61
N ALA C 74 -2.52 0.24 -8.44
CA ALA C 74 -2.07 -0.15 -9.76
C ALA C 74 -0.74 0.46 -10.15
N ILE C 75 -0.25 -0.10 -11.24
CA ILE C 75 0.96 0.30 -11.87
C ILE C 75 0.66 0.29 -13.35
N SER C 76 1.16 1.33 -14.03
CA SER C 76 0.89 1.48 -15.45
C SER C 76 2.12 0.97 -16.16
N VAL C 77 1.89 0.25 -17.26
CA VAL C 77 2.97 -0.43 -17.98
C VAL C 77 2.96 0.03 -19.41
N PHE C 78 4.14 0.38 -19.90
CA PHE C 78 4.26 0.92 -21.26
C PHE C 78 5.31 0.17 -22.01
N GLY C 79 5.22 0.23 -23.34
CA GLY C 79 6.17 -0.44 -24.18
C GLY C 79 5.70 -0.51 -25.61
N SER C 80 6.53 -1.15 -26.43
CA SER C 80 6.32 -1.25 -27.84
C SER C 80 5.06 -1.99 -28.20
N ALA C 81 4.26 -1.37 -29.07
CA ALA C 81 3.09 -2.02 -29.62
C ALA C 81 3.48 -3.10 -30.63
N ARG C 82 4.73 -3.06 -31.11
CA ARG C 82 5.25 -3.94 -32.15
C ARG C 82 5.97 -5.19 -31.67
N THR C 83 6.22 -5.31 -30.38
CA THR C 83 6.93 -6.45 -29.83
C THR C 83 6.21 -7.76 -30.27
N PRO C 84 6.93 -8.66 -30.95
CA PRO C 84 6.31 -9.95 -31.36
C PRO C 84 6.21 -10.92 -30.18
N ALA C 85 5.24 -11.82 -30.26
CA ALA C 85 4.95 -12.75 -29.18
C ALA C 85 6.03 -13.81 -28.97
N ASP C 86 6.75 -14.20 -30.04
CA ASP C 86 7.95 -15.10 -29.92
C ASP C 86 9.11 -14.52 -29.07
N SER C 87 9.12 -13.20 -28.87
CA SER C 87 10.22 -12.48 -28.27
C SER C 87 10.50 -12.71 -26.77
N PRO C 88 11.78 -12.56 -26.35
CA PRO C 88 12.25 -12.35 -24.95
C PRO C 88 11.67 -11.10 -24.22
N GLU C 89 11.58 -10.00 -24.95
CA GLU C 89 10.97 -8.76 -24.52
C GLU C 89 9.49 -8.95 -24.18
N TYR C 90 8.84 -9.79 -24.98
CA TYR C 90 7.44 -10.09 -24.78
C TYR C 90 7.29 -10.93 -23.52
N ASP C 91 8.16 -11.92 -23.41
CA ASP C 91 8.16 -12.83 -22.29
C ASP C 91 8.41 -12.04 -20.99
N ALA C 92 9.33 -11.08 -21.02
CA ALA C 92 9.57 -10.14 -19.90
C ALA C 92 8.32 -9.39 -19.48
N GLY C 93 7.50 -8.97 -20.45
CA GLY C 93 6.22 -8.30 -20.14
C GLY C 93 5.24 -9.21 -19.41
N VAL C 94 5.13 -10.44 -19.89
CA VAL C 94 4.30 -11.44 -19.24
C VAL C 94 4.80 -11.69 -17.82
N ARG C 95 6.10 -11.81 -17.68
CA ARG C 95 6.72 -12.06 -16.39
C ARG C 95 6.51 -10.86 -15.48
N LEU C 96 6.63 -9.64 -16.04
CA LEU C 96 6.40 -8.39 -15.33
C LEU C 96 4.93 -8.29 -14.87
N GLY C 97 4.00 -8.62 -15.75
CA GLY C 97 2.61 -8.63 -15.36
C GLY C 97 2.29 -9.55 -14.20
N ARG C 98 2.83 -10.77 -14.26
CA ARG C 98 2.64 -11.78 -13.25
C ARG C 98 3.15 -11.25 -11.92
N GLY C 99 4.37 -10.72 -11.91
CA GLY C 99 4.99 -10.24 -10.68
C GLY C 99 4.38 -9.00 -10.00
N LEU C 100 3.79 -8.14 -10.81
CA LEU C 100 3.08 -6.96 -10.31
C LEU C 100 1.79 -7.36 -9.57
N VAL C 101 1.12 -8.38 -10.10
CA VAL C 101 -0.09 -8.91 -9.48
C VAL C 101 0.24 -9.59 -8.18
N GLU C 102 1.34 -10.32 -8.16
CA GLU C 102 1.80 -10.97 -6.97
C GLU C 102 2.18 -9.96 -5.92
N ALA C 103 2.56 -8.77 -6.36
CA ALA C 103 2.92 -7.67 -5.45
C ALA C 103 1.74 -6.83 -5.08
N GLY C 104 0.54 -7.29 -5.37
CA GLY C 104 -0.66 -6.59 -4.98
C GLY C 104 -1.28 -5.61 -5.96
N PHE C 105 -0.68 -5.43 -7.14
CA PHE C 105 -1.13 -4.36 -8.03
C PHE C 105 -1.98 -4.85 -9.14
N ALA C 106 -2.87 -3.97 -9.57
CA ALA C 106 -3.52 -4.13 -10.84
C ALA C 106 -2.57 -3.61 -11.90
N VAL C 107 -2.74 -4.10 -13.11
CA VAL C 107 -1.88 -3.70 -14.17
C VAL C 107 -2.70 -2.98 -15.24
N ILE C 108 -2.22 -1.79 -15.61
CA ILE C 108 -2.87 -0.95 -16.60
C ILE C 108 -1.98 -0.76 -17.84
N THR C 109 -2.53 -1.05 -19.02
CA THR C 109 -1.87 -0.70 -20.26
C THR C 109 -2.74 0.18 -21.15
N GLY C 110 -2.16 0.48 -22.31
CA GLY C 110 -2.88 1.11 -23.42
C GLY C 110 -3.81 0.19 -24.19
N GLY C 111 -3.78 -1.12 -23.91
CA GLY C 111 -4.75 -2.03 -24.43
C GLY C 111 -4.43 -2.53 -25.82
N GLY C 112 -3.23 -2.22 -26.28
CA GLY C 112 -2.79 -2.59 -27.61
C GLY C 112 -2.01 -3.87 -27.57
N PRO C 113 -1.41 -4.23 -28.71
CA PRO C 113 -0.62 -5.45 -28.84
C PRO C 113 0.81 -5.29 -28.31
N GLY C 114 1.61 -6.32 -28.45
CA GLY C 114 3.00 -6.23 -28.08
C GLY C 114 3.26 -6.27 -26.57
N ALA C 115 4.16 -5.42 -26.13
CA ALA C 115 4.46 -5.27 -24.73
C ALA C 115 3.24 -4.94 -23.86
N MET C 116 2.25 -4.19 -24.38
CA MET C 116 1.01 -3.94 -23.66
C MET C 116 0.28 -5.25 -23.37
N GLU C 117 0.04 -6.00 -24.44
CA GLU C 117 -0.64 -7.28 -24.37
C GLU C 117 0.11 -8.22 -23.45
N ALA C 118 1.43 -8.22 -23.55
CA ALA C 118 2.21 -9.10 -22.74
C ALA C 118 1.98 -8.89 -21.23
N ALA C 119 1.89 -7.62 -20.83
CA ALA C 119 1.73 -7.27 -19.45
C ALA C 119 0.30 -7.60 -18.96
N ASN C 120 -0.68 -7.28 -19.79
CA ASN C 120 -2.07 -7.64 -19.56
C ASN C 120 -2.23 -9.14 -19.42
N LYS C 121 -1.52 -9.86 -20.26
CA LYS C 121 -1.57 -11.30 -20.26
C LYS C 121 -0.97 -11.87 -18.99
N GLY C 122 0.20 -11.38 -18.61
CA GLY C 122 0.83 -11.78 -17.36
C GLY C 122 -0.06 -11.56 -16.14
N ALA C 123 -0.78 -10.43 -16.14
CA ALA C 123 -1.69 -10.10 -15.06
C ALA C 123 -2.86 -11.09 -14.95
N LEU C 124 -3.35 -11.53 -16.10
CA LEU C 124 -4.45 -12.48 -16.15
C LEU C 124 -4.00 -13.87 -15.67
N GLU C 125 -2.79 -14.27 -16.06
CA GLU C 125 -2.23 -15.58 -15.72
C GLU C 125 -2.06 -15.71 -14.25
N ALA C 126 -1.67 -14.60 -13.64
CA ALA C 126 -1.55 -14.45 -12.17
C ALA C 126 -2.88 -14.28 -11.44
N LYS C 127 -3.99 -14.32 -12.14
CA LYS C 127 -5.31 -14.01 -11.59
C LYS C 127 -5.53 -12.59 -11.06
N GLY C 128 -4.92 -11.59 -11.68
CA GLY C 128 -4.99 -10.20 -11.20
C GLY C 128 -5.99 -9.39 -11.97
N THR C 129 -6.03 -8.09 -11.72
CA THR C 129 -7.00 -7.28 -12.44
C THR C 129 -6.22 -6.59 -13.53
N SER C 130 -6.68 -6.81 -14.78
CA SER C 130 -5.98 -6.42 -15.99
C SER C 130 -6.83 -5.34 -16.68
N VAL C 131 -6.23 -4.16 -16.87
CA VAL C 131 -6.92 -2.97 -17.35
C VAL C 131 -6.29 -2.51 -18.66
N GLY C 132 -7.12 -1.98 -19.55
CA GLY C 132 -6.66 -1.46 -20.82
C GLY C 132 -7.36 -0.17 -21.08
N LEU C 133 -6.57 0.91 -21.24
CA LEU C 133 -7.10 2.25 -21.56
C LEU C 133 -6.66 2.64 -22.96
N GLY C 134 -7.60 2.60 -23.88
CA GLY C 134 -7.31 2.79 -25.29
C GLY C 134 -7.57 4.19 -25.79
N ILE C 135 -6.93 4.49 -26.91
CA ILE C 135 -7.17 5.77 -27.59
C ILE C 135 -7.77 5.48 -28.96
N GLU C 136 -8.80 6.20 -29.32
CA GLU C 136 -9.47 5.99 -30.59
C GLU C 136 -8.57 6.57 -31.68
N LEU C 137 -8.18 5.71 -32.61
CA LEU C 137 -7.40 6.13 -33.76
C LEU C 137 -8.12 5.97 -35.12
N PRO C 138 -7.64 6.73 -36.11
CA PRO C 138 -8.15 6.63 -37.47
C PRO C 138 -8.30 5.19 -37.97
N PHE C 139 -7.30 4.36 -37.72
CA PHE C 139 -7.34 2.94 -38.11
C PHE C 139 -8.42 2.17 -37.34
N GLU C 140 -8.82 1.03 -37.88
CA GLU C 140 -9.63 0.11 -37.08
C GLU C 140 -8.72 -0.54 -36.01
N GLN C 141 -9.28 -0.81 -34.83
CA GLN C 141 -8.48 -1.29 -33.71
C GLN C 141 -9.40 -1.99 -32.69
N GLY C 142 -8.92 -2.25 -31.49
CA GLY C 142 -9.68 -3.04 -30.52
C GLY C 142 -8.76 -3.43 -29.40
N LEU C 143 -9.32 -3.58 -28.21
CA LEU C 143 -8.51 -3.84 -27.04
C LEU C 143 -8.04 -5.29 -27.07
N ASN C 144 -6.78 -5.50 -26.70
CA ASN C 144 -6.21 -6.83 -26.65
C ASN C 144 -7.03 -7.87 -25.83
N PRO C 145 -6.97 -9.15 -26.25
CA PRO C 145 -7.79 -10.18 -25.65
C PRO C 145 -7.57 -10.37 -24.17
N TYR C 146 -6.44 -9.94 -23.61
CA TYR C 146 -6.13 -10.12 -22.18
C TYR C 146 -6.60 -9.00 -21.25
N VAL C 147 -7.32 -8.02 -21.77
CA VAL C 147 -7.83 -6.91 -21.01
C VAL C 147 -9.18 -7.26 -20.45
N ASP C 148 -9.38 -7.07 -19.14
CA ASP C 148 -10.65 -7.43 -18.48
C ASP C 148 -11.54 -6.24 -18.31
N ILE C 149 -10.93 -5.12 -17.98
CA ILE C 149 -11.69 -3.88 -17.77
C ILE C 149 -11.04 -2.85 -18.65
N GLY C 150 -11.77 -2.31 -19.61
CA GLY C 150 -11.22 -1.33 -20.54
C GLY C 150 -12.13 -0.16 -20.86
N LEU C 151 -11.52 0.93 -21.29
CA LEU C 151 -12.22 2.05 -21.91
C LEU C 151 -11.46 2.57 -23.10
N ASN C 152 -12.20 3.12 -24.06
CA ASN C 152 -11.60 3.97 -25.13
C ASN C 152 -11.88 5.42 -24.92
N PHE C 153 -10.86 6.23 -25.11
CA PHE C 153 -10.97 7.67 -24.99
C PHE C 153 -10.76 8.24 -26.36
N ARG C 154 -11.54 9.24 -26.69
CA ARG C 154 -11.27 10.06 -27.89
C ARG C 154 -10.19 11.15 -27.67
N TYR C 155 -10.07 11.68 -26.46
CA TYR C 155 -9.14 12.76 -26.13
C TYR C 155 -7.84 12.25 -25.51
N PHE C 156 -6.71 12.56 -26.15
N PHE C 156 -6.71 12.54 -26.15
CA PHE C 156 -5.38 12.04 -25.77
CA PHE C 156 -5.38 11.99 -25.75
C PHE C 156 -5.00 12.36 -24.33
C PHE C 156 -5.03 12.34 -24.30
N PHE C 157 -5.42 13.54 -23.90
CA PHE C 157 -5.00 14.15 -22.68
C PHE C 157 -5.86 13.76 -21.50
N VAL C 158 -7.07 13.26 -21.76
CA VAL C 158 -7.91 12.66 -20.70
C VAL C 158 -7.34 11.29 -20.35
N ARG C 159 -7.03 10.52 -21.36
CA ARG C 159 -6.44 9.21 -21.16
C ARG C 159 -5.14 9.28 -20.40
N LYS C 160 -4.30 10.21 -20.77
CA LYS C 160 -2.97 10.35 -20.18
C LYS C 160 -3.05 10.53 -18.70
N MET C 161 -4.01 11.34 -18.33
CA MET C 161 -4.28 11.66 -16.94
C MET C 161 -4.75 10.48 -16.13
N MET C 162 -5.53 9.61 -16.75
CA MET C 162 -6.03 8.40 -16.09
C MET C 162 -4.85 7.51 -15.71
N PHE C 163 -3.86 7.35 -16.61
CA PHE C 163 -2.70 6.52 -16.36
C PHE C 163 -1.96 6.89 -15.11
N VAL C 164 -1.99 8.17 -14.76
CA VAL C 164 -1.24 8.67 -13.63
C VAL C 164 -2.12 8.68 -12.37
N LYS C 165 -3.40 9.02 -12.52
CA LYS C 165 -4.28 9.13 -11.38
C LYS C 165 -4.56 7.80 -10.73
N TYR C 166 -4.89 6.82 -11.57
CA TYR C 166 -5.23 5.49 -11.09
C TYR C 166 -4.06 4.55 -10.97
N ALA C 167 -2.84 5.02 -11.12
CA ALA C 167 -1.67 4.22 -10.79
C ALA C 167 -0.82 4.97 -9.79
N GLN C 168 0.12 4.24 -9.18
CA GLN C 168 1.08 4.79 -8.24
C GLN C 168 2.52 4.59 -8.71
N GLY C 169 2.72 4.31 -9.99
CA GLY C 169 4.05 4.12 -10.54
C GLY C 169 3.96 3.65 -11.96
N PHE C 170 5.09 3.71 -12.63
CA PHE C 170 5.18 3.38 -14.05
C PHE C 170 6.30 2.36 -14.22
N VAL C 171 6.06 1.37 -15.06
CA VAL C 171 7.17 0.54 -15.56
C VAL C 171 7.21 0.70 -17.07
N VAL C 172 8.41 0.91 -17.59
CA VAL C 172 8.60 1.16 -19.02
C VAL C 172 9.45 0.08 -19.73
N LEU C 173 8.79 -0.76 -20.49
CA LEU C 173 9.46 -1.75 -21.34
C LEU C 173 9.96 -1.06 -22.59
N PRO C 174 11.01 -1.62 -23.23
CA PRO C 174 11.57 -1.12 -24.47
C PRO C 174 10.47 -0.77 -25.41
N GLY C 175 10.47 0.48 -25.89
CA GLY C 175 9.38 0.99 -26.68
C GLY C 175 9.68 2.14 -27.59
N GLY C 176 8.64 2.56 -28.28
CA GLY C 176 8.73 3.59 -29.29
C GLY C 176 8.41 4.99 -28.81
N LEU C 177 7.85 5.78 -29.72
CA LEU C 177 7.59 7.20 -29.45
C LEU C 177 6.58 7.42 -28.35
N GLY C 178 5.49 6.63 -28.33
CA GLY C 178 4.44 6.77 -27.35
C GLY C 178 4.90 6.31 -25.99
N THR C 179 5.87 5.41 -25.96
CA THR C 179 6.47 4.96 -24.74
C THR C 179 7.35 6.05 -24.19
N LEU C 180 8.09 6.71 -25.07
CA LEU C 180 8.91 7.86 -24.63
C LEU C 180 8.11 9.04 -24.10
N ASP C 181 6.98 9.29 -24.74
CA ASP C 181 6.01 10.27 -24.35
C ASP C 181 5.56 10.16 -22.88
N GLU C 182 5.08 8.98 -22.54
CA GLU C 182 4.64 8.70 -21.18
C GLU C 182 5.77 8.70 -20.19
N LEU C 183 6.92 8.18 -20.59
CA LEU C 183 8.11 8.21 -19.74
C LEU C 183 8.49 9.64 -19.30
N PHE C 184 8.58 10.55 -20.26
CA PHE C 184 8.99 11.91 -19.94
C PHE C 184 7.91 12.73 -19.24
N GLU C 185 6.65 12.38 -19.45
CA GLU C 185 5.55 13.00 -18.78
C GLU C 185 5.63 12.70 -17.32
N ALA C 186 5.86 11.44 -16.97
CA ALA C 186 5.94 11.03 -15.57
C ALA C 186 7.14 11.65 -14.90
N LEU C 187 8.20 11.78 -15.66
CA LEU C 187 9.40 12.36 -15.12
C LEU C 187 9.17 13.84 -14.78
N THR C 188 8.41 14.57 -15.55
CA THR C 188 8.25 15.99 -15.24
C THR C 188 7.18 16.17 -14.17
N LEU C 189 6.28 15.19 -14.06
CA LEU C 189 5.27 15.21 -13.01
C LEU C 189 5.88 15.04 -11.64
N VAL C 190 6.90 14.19 -11.54
CA VAL C 190 7.60 13.92 -10.31
C VAL C 190 8.55 15.08 -10.01
N GLN C 191 9.32 15.48 -11.00
CA GLN C 191 10.18 16.65 -10.87
C GLN C 191 9.45 17.91 -10.37
N THR C 192 8.27 18.21 -10.91
CA THR C 192 7.48 19.37 -10.48
C THR C 192 6.48 19.08 -9.31
N GLN C 193 6.63 17.91 -8.67
CA GLN C 193 5.82 17.50 -7.52
C GLN C 193 4.32 17.54 -7.76
N LYS C 194 3.87 16.95 -8.85
CA LYS C 194 2.46 16.75 -9.13
C LYS C 194 2.03 15.27 -8.89
N VAL C 195 3.01 14.41 -8.60
CA VAL C 195 2.79 13.09 -8.03
C VAL C 195 3.88 12.87 -7.04
N THR C 196 3.62 12.03 -6.06
CA THR C 196 4.61 11.68 -5.07
C THR C 196 4.58 10.17 -4.91
N ARG C 197 5.67 9.65 -4.38
CA ARG C 197 5.85 8.23 -4.16
C ARG C 197 5.50 7.43 -5.44
N PHE C 198 6.16 7.84 -6.51
CA PHE C 198 5.85 7.41 -7.86
C PHE C 198 7.08 6.85 -8.56
N PRO C 199 7.39 5.59 -8.32
CA PRO C 199 8.56 5.01 -8.98
C PRO C 199 8.45 4.96 -10.49
N ILE C 200 9.58 5.10 -11.17
CA ILE C 200 9.61 4.94 -12.62
C ILE C 200 10.75 3.95 -12.95
N VAL C 201 10.39 2.76 -13.41
CA VAL C 201 11.40 1.77 -13.71
C VAL C 201 11.48 1.50 -15.21
N LEU C 202 12.68 1.71 -15.74
CA LEU C 202 13.03 1.37 -17.15
C LEU C 202 13.57 -0.02 -17.20
N PHE C 203 13.01 -0.84 -18.09
CA PHE C 203 13.51 -2.20 -18.27
C PHE C 203 14.38 -2.39 -19.52
N GLY C 204 15.61 -2.85 -19.32
CA GLY C 204 16.56 -3.14 -20.38
C GLY C 204 17.67 -2.12 -20.41
N SER C 205 18.79 -2.42 -19.76
CA SER C 205 19.85 -1.43 -19.58
C SER C 205 20.59 -1.14 -20.87
N GLU C 206 20.59 -2.05 -21.83
CA GLU C 206 21.19 -1.75 -23.13
C GLU C 206 20.29 -0.94 -24.02
N TYR C 207 19.02 -1.26 -24.04
CA TYR C 207 18.06 -0.46 -24.75
C TYR C 207 18.06 1.01 -24.32
N TRP C 208 17.93 1.24 -23.01
CA TRP C 208 17.79 2.60 -22.47
C TRP C 208 19.13 3.32 -22.22
N GLY C 209 20.24 2.58 -22.07
CA GLY C 209 21.52 3.23 -21.77
C GLY C 209 21.91 4.41 -22.69
N GLY C 210 21.64 4.25 -23.99
CA GLY C 210 21.95 5.28 -24.93
C GLY C 210 21.29 6.60 -24.61
N LEU C 211 19.99 6.54 -24.32
CA LEU C 211 19.23 7.68 -23.85
C LEU C 211 19.74 8.23 -22.51
N VAL C 212 19.96 7.33 -21.56
CA VAL C 212 20.55 7.69 -20.24
C VAL C 212 21.90 8.45 -20.36
N ASP C 213 22.79 7.98 -21.24
CA ASP C 213 24.05 8.72 -21.54
C ASP C 213 23.81 10.07 -22.15
N TRP C 214 22.82 10.22 -23.03
CA TRP C 214 22.51 11.54 -23.54
C TRP C 214 21.90 12.46 -22.48
N LEU C 215 21.12 11.88 -21.57
CA LEU C 215 20.49 12.67 -20.49
C LEU C 215 21.55 13.24 -19.54
N ARG C 216 22.50 12.39 -19.17
CA ARG C 216 23.65 12.82 -18.36
C ARG C 216 24.60 13.72 -19.17
N GLY C 217 25.05 13.17 -20.28
CA GLY C 217 26.10 13.74 -21.11
C GLY C 217 25.82 15.08 -21.76
N THR C 218 24.57 15.40 -21.99
CA THR C 218 24.21 16.63 -22.68
C THR C 218 23.33 17.45 -21.75
N LEU C 219 22.14 16.93 -21.39
CA LEU C 219 21.18 17.66 -20.56
C LEU C 219 21.72 18.11 -19.23
N VAL C 220 22.15 17.16 -18.43
CA VAL C 220 22.65 17.48 -17.08
C VAL C 220 23.90 18.36 -17.17
N ALA C 221 24.80 17.98 -18.07
CA ALA C 221 26.06 18.68 -18.26
C ALA C 221 25.93 20.14 -18.67
N GLN C 222 24.88 20.48 -19.41
CA GLN C 222 24.58 21.87 -19.79
C GLN C 222 23.55 22.53 -18.86
N GLY C 223 23.30 21.90 -17.70
CA GLY C 223 22.34 22.38 -16.73
C GLY C 223 20.91 22.54 -17.20
N LYS C 224 20.48 21.71 -18.13
CA LYS C 224 19.04 21.60 -18.44
C LYS C 224 18.28 20.75 -17.41
N ALA C 225 19.03 20.00 -16.60
CA ALA C 225 18.46 19.21 -15.54
C ALA C 225 19.55 18.97 -14.56
N ALA C 226 19.19 18.71 -13.31
CA ALA C 226 20.17 18.39 -12.25
C ALA C 226 20.51 16.92 -12.23
N GLU C 227 21.63 16.58 -11.61
CA GLU C 227 22.01 15.17 -11.44
C GLU C 227 21.05 14.41 -10.50
N LYS C 228 20.37 15.12 -9.59
CA LYS C 228 19.32 14.51 -8.76
C LYS C 228 18.05 14.11 -9.58
N ASP C 229 17.74 14.83 -10.65
CA ASP C 229 16.67 14.44 -11.58
C ASP C 229 16.91 13.07 -12.23
N LEU C 230 18.17 12.68 -12.42
CA LEU C 230 18.46 11.35 -12.96
C LEU C 230 18.12 10.21 -11.99
N MET C 231 18.05 10.51 -10.71
CA MET C 231 17.70 9.52 -9.71
C MET C 231 16.17 9.27 -9.62
N LEU C 232 15.36 10.05 -10.33
CA LEU C 232 13.93 9.80 -10.39
C LEU C 232 13.50 8.53 -11.09
N PHE C 233 14.37 7.92 -11.89
CA PHE C 233 14.08 6.62 -12.48
C PHE C 233 15.16 5.62 -12.13
N HIS C 234 14.84 4.35 -12.32
CA HIS C 234 15.74 3.23 -12.15
C HIS C 234 15.84 2.45 -13.46
N VAL C 235 16.94 1.76 -13.71
CA VAL C 235 17.07 0.92 -14.91
C VAL C 235 17.47 -0.47 -14.43
N THR C 236 16.86 -1.51 -14.93
CA THR C 236 17.25 -2.83 -14.53
C THR C 236 16.99 -3.79 -15.65
N ASP C 237 17.56 -4.99 -15.52
CA ASP C 237 17.33 -6.08 -16.46
C ASP C 237 16.66 -7.26 -15.83
N ASP C 238 16.43 -7.22 -14.52
CA ASP C 238 15.84 -8.34 -13.80
C ASP C 238 14.34 -8.00 -13.46
N VAL C 239 13.42 -8.90 -13.81
CA VAL C 239 11.98 -8.62 -13.60
C VAL C 239 11.66 -8.54 -12.12
N ASP C 240 12.34 -9.30 -11.28
CA ASP C 240 12.11 -9.18 -9.85
C ASP C 240 12.58 -7.87 -9.26
N GLU C 241 13.67 -7.30 -9.77
CA GLU C 241 14.13 -6.03 -9.23
C GLU C 241 13.21 -4.92 -9.63
N ALA C 242 12.74 -4.95 -10.87
CA ALA C 242 11.73 -4.02 -11.31
C ALA C 242 10.51 -3.98 -10.38
N VAL C 243 10.00 -5.15 -10.04
CA VAL C 243 8.85 -5.26 -9.14
C VAL C 243 9.23 -4.79 -7.74
N ALA C 244 10.39 -5.18 -7.26
CA ALA C 244 10.81 -4.80 -5.91
C ALA C 244 11.01 -3.31 -5.75
N LEU C 245 11.59 -2.68 -6.76
CA LEU C 245 11.78 -1.25 -6.73
C LEU C 245 10.40 -0.58 -6.67
N VAL C 246 9.50 -1.01 -7.54
CA VAL C 246 8.18 -0.42 -7.63
C VAL C 246 7.41 -0.60 -6.31
N SER C 247 7.52 -1.81 -5.73
CA SER C 247 6.85 -2.19 -4.47
C SER C 247 7.31 -1.39 -3.26
N LYS C 248 8.56 -1.02 -3.29
CA LYS C 248 9.19 -0.29 -2.24
C LYS C 248 8.81 1.17 -2.32
N GLU C 249 8.71 1.67 -3.53
CA GLU C 249 8.59 3.10 -3.75
C GLU C 249 7.19 3.62 -3.97
N ALA C 250 6.25 2.79 -4.39
CA ALA C 250 4.90 3.24 -4.76
C ALA C 250 3.89 3.31 -3.59
N GLY C 251 3.11 4.37 -3.59
CA GLY C 251 1.87 4.39 -2.82
C GLY C 251 2.14 4.29 -1.35
N ARG C 252 1.27 3.55 -0.64
CA ARG C 252 1.23 3.53 0.82
C ARG C 252 1.22 4.95 1.46
N LEU C 253 0.22 5.74 1.04
CA LEU C 253 0.11 7.18 1.37
C LEU C 253 -1.17 7.30 2.20
N ARG D 11 -51.09 32.60 6.36
CA ARG D 11 -50.38 33.26 5.21
C ARG D 11 -49.22 32.44 4.62
N PRO D 12 -48.49 31.57 5.45
CA PRO D 12 -47.63 30.53 4.80
C PRO D 12 -48.41 29.78 3.69
N PRO D 13 -47.89 29.81 2.46
CA PRO D 13 -48.68 29.56 1.25
C PRO D 13 -49.53 28.29 1.28
N GLU D 14 -50.63 28.32 0.54
CA GLU D 14 -51.48 27.15 0.31
C GLU D 14 -51.00 26.39 -0.90
N GLU D 15 -50.40 27.13 -1.85
CA GLU D 15 -49.88 26.60 -3.11
C GLU D 15 -48.63 27.36 -3.51
N GLN D 16 -47.50 26.68 -3.75
CA GLN D 16 -46.26 27.33 -4.24
C GLN D 16 -46.04 26.86 -5.68
N ARG D 17 -45.61 27.78 -6.54
CA ARG D 17 -45.10 27.46 -7.87
C ARG D 17 -43.65 27.94 -8.01
N LEU D 18 -42.72 27.02 -7.87
CA LEU D 18 -41.31 27.34 -7.91
C LEU D 18 -40.80 26.63 -9.14
N GLY D 19 -40.74 27.36 -10.25
CA GLY D 19 -40.23 26.81 -11.47
C GLY D 19 -41.20 25.81 -12.07
N PRO D 20 -40.72 24.60 -12.36
CA PRO D 20 -41.61 23.57 -12.86
C PRO D 20 -42.26 22.74 -11.76
N VAL D 21 -41.98 23.05 -10.49
CA VAL D 21 -42.44 22.32 -9.34
C VAL D 21 -43.73 22.92 -8.71
N LEU D 22 -44.71 22.07 -8.39
CA LEU D 22 -45.94 22.47 -7.71
C LEU D 22 -45.96 21.91 -6.30
N ARG D 23 -46.19 22.76 -5.31
CA ARG D 23 -46.36 22.28 -3.95
C ARG D 23 -47.66 22.76 -3.43
N ARG D 24 -48.47 21.86 -2.90
CA ARG D 24 -49.73 22.25 -2.26
C ARG D 24 -49.86 21.68 -0.86
N ARG D 25 -50.66 22.36 -0.05
CA ARG D 25 -51.01 21.92 1.30
C ARG D 25 -49.81 21.51 2.13
N GLY D 26 -49.77 20.27 2.60
CA GLY D 26 -48.70 19.81 3.45
C GLY D 26 -47.36 19.74 2.77
N GLN D 27 -47.36 19.72 1.46
CA GLN D 27 -46.13 19.56 0.72
C GLN D 27 -45.40 20.91 0.49
N VAL D 28 -46.08 22.02 0.74
CA VAL D 28 -45.42 23.33 0.80
C VAL D 28 -44.32 23.39 1.89
N GLN D 29 -43.19 24.03 1.60
CA GLN D 29 -42.13 24.06 2.56
C GLN D 29 -42.23 25.24 3.51
N GLU D 30 -41.60 25.11 4.67
CA GLU D 30 -41.65 26.14 5.72
C GLU D 30 -40.55 27.17 5.58
N SER D 31 -39.50 26.86 4.84
CA SER D 31 -38.48 27.84 4.55
C SER D 31 -38.45 28.09 3.08
N THR D 32 -37.85 29.20 2.72
CA THR D 32 -37.61 29.56 1.31
C THR D 32 -36.37 28.82 0.77
N THR D 33 -36.36 28.52 -0.53
CA THR D 33 -35.24 27.82 -1.18
C THR D 33 -33.95 28.60 -0.92
N ASP D 34 -34.04 29.92 -1.15
CA ASP D 34 -32.93 30.83 -0.97
C ASP D 34 -32.35 30.82 0.43
N GLN D 35 -33.17 30.79 1.46
CA GLN D 35 -32.66 30.94 2.80
C GLN D 35 -31.86 29.72 3.17
N ARG D 36 -32.30 28.56 2.72
CA ARG D 36 -31.53 27.37 2.92
C ARG D 36 -30.16 27.47 2.22
N LEU D 37 -30.13 28.03 1.03
CA LEU D 37 -28.91 28.25 0.26
C LEU D 37 -27.99 29.30 0.86
N LEU D 38 -28.55 30.39 1.37
CA LEU D 38 -27.73 31.51 1.81
C LEU D 38 -27.34 31.51 3.29
N ASP D 39 -28.01 30.72 4.13
CA ASP D 39 -27.69 30.62 5.57
C ASP D 39 -26.87 29.37 5.89
N GLU D 40 -27.21 28.23 5.29
CA GLU D 40 -26.69 26.91 5.73
C GLU D 40 -25.27 26.75 5.37
N ARG D 41 -24.42 26.62 6.37
CA ARG D 41 -23.09 26.02 6.16
C ARG D 41 -23.17 24.62 6.85
N ALA D 42 -22.88 23.60 6.06
CA ALA D 42 -23.03 22.23 6.46
C ALA D 42 -21.62 21.72 6.46
N PRO D 43 -21.44 20.42 6.77
CA PRO D 43 -20.15 19.80 6.51
C PRO D 43 -19.74 19.97 5.03
N THR D 44 -18.44 20.08 4.85
CA THR D 44 -17.81 20.35 3.58
C THR D 44 -16.83 19.26 3.14
N ASP D 45 -17.13 18.00 3.44
CA ASP D 45 -16.32 16.92 2.90
C ASP D 45 -16.27 16.93 1.37
N TRP D 46 -17.43 17.13 0.74
CA TRP D 46 -17.56 17.11 -0.72
C TRP D 46 -16.49 17.92 -1.47
N VAL D 47 -15.94 19.02 -0.90
CA VAL D 47 -14.89 19.78 -1.66
C VAL D 47 -13.65 19.00 -1.90
N HIS D 48 -13.42 17.94 -1.12
CA HIS D 48 -12.21 17.15 -1.31
C HIS D 48 -12.51 15.81 -1.92
N THR D 49 -13.51 15.73 -2.78
CA THR D 49 -13.82 14.46 -3.41
C THR D 49 -13.65 14.55 -4.91
N ASP D 50 -13.48 13.40 -5.55
CA ASP D 50 -13.32 13.40 -7.03
C ASP D 50 -14.49 13.94 -7.91
N PRO D 51 -15.76 13.67 -7.51
CA PRO D 51 -16.88 14.24 -8.25
C PRO D 51 -16.79 15.77 -8.28
N TRP D 52 -16.41 16.40 -7.17
CA TRP D 52 -16.25 17.85 -7.15
C TRP D 52 -15.04 18.28 -7.95
N ARG D 53 -14.00 17.48 -7.93
CA ARG D 53 -12.81 17.79 -8.69
C ARG D 53 -13.10 17.78 -10.15
N VAL D 54 -13.97 16.88 -10.57
CA VAL D 54 -14.40 16.80 -11.96
C VAL D 54 -15.04 18.11 -12.44
N LEU D 55 -15.81 18.77 -11.59
CA LEU D 55 -16.38 20.08 -11.89
C LEU D 55 -15.34 21.20 -11.93
N ARG D 56 -14.29 21.07 -11.13
CA ARG D 56 -13.18 22.02 -11.12
C ARG D 56 -12.35 21.96 -12.38
N ILE D 57 -12.14 20.75 -12.87
CA ILE D 57 -11.43 20.52 -14.11
C ILE D 57 -12.21 21.09 -15.27
N GLN D 58 -13.50 20.82 -15.28
CA GLN D 58 -14.36 21.31 -16.30
C GLN D 58 -14.37 22.85 -16.34
N SER D 59 -14.43 23.46 -15.17
CA SER D 59 -14.33 24.89 -15.04
C SER D 59 -13.07 25.46 -15.69
N GLU D 60 -11.95 24.80 -15.43
CA GLU D 60 -10.66 25.23 -15.97
C GLU D 60 -10.60 25.11 -17.47
N PHE D 61 -11.20 24.06 -18.03
CA PHE D 61 -11.37 23.97 -19.50
C PHE D 61 -12.20 25.14 -19.99
N ILE D 62 -13.35 25.39 -19.36
CA ILE D 62 -14.21 26.47 -19.79
C ILE D 62 -13.48 27.79 -19.77
N GLU D 63 -12.71 28.04 -18.70
CA GLU D 63 -11.95 29.30 -18.53
C GLU D 63 -10.89 29.41 -19.60
N GLY D 64 -10.24 28.31 -19.90
CA GLY D 64 -9.20 28.30 -20.94
C GLY D 64 -9.77 28.70 -22.29
N PHE D 65 -10.78 27.97 -22.78
CA PHE D 65 -11.37 28.25 -24.06
C PHE D 65 -11.95 29.65 -24.15
N GLY D 66 -12.45 30.15 -23.05
CA GLY D 66 -13.03 31.47 -22.97
C GLY D 66 -11.94 32.48 -23.20
N THR D 67 -10.81 32.36 -22.52
CA THR D 67 -9.79 33.37 -22.67
C THR D 67 -8.95 33.19 -23.94
N LEU D 68 -8.88 32.00 -24.53
CA LEU D 68 -8.14 31.81 -25.78
C LEU D 68 -9.05 31.82 -27.03
N ALA D 69 -10.26 32.32 -26.90
CA ALA D 69 -11.28 32.21 -27.95
C ALA D 69 -10.98 32.98 -29.22
N GLU D 70 -10.27 34.10 -29.12
CA GLU D 70 -9.98 34.88 -30.32
C GLU D 70 -8.51 34.88 -30.65
N LEU D 71 -7.86 33.78 -30.33
CA LEU D 71 -6.45 33.64 -30.68
C LEU D 71 -6.35 33.46 -32.16
N PRO D 72 -5.44 34.20 -32.82
CA PRO D 72 -5.15 33.90 -34.22
C PRO D 72 -4.27 32.65 -34.28
N PRO D 73 -4.03 32.13 -35.48
CA PRO D 73 -3.16 30.96 -35.64
C PRO D 73 -1.84 31.11 -34.91
N ALA D 74 -1.40 30.05 -34.22
CA ALA D 74 -0.24 30.14 -33.33
C ALA D 74 0.72 29.02 -33.51
N ILE D 75 1.95 29.21 -33.03
CA ILE D 75 2.92 28.14 -32.89
C ILE D 75 3.28 28.06 -31.41
N SER D 76 3.49 26.84 -30.87
CA SER D 76 3.80 26.68 -29.46
C SER D 76 5.29 26.37 -29.32
N VAL D 77 5.99 27.13 -28.46
CA VAL D 77 7.44 27.04 -28.33
C VAL D 77 7.81 26.57 -26.97
N PHE D 78 8.81 25.68 -26.93
CA PHE D 78 9.22 24.99 -25.71
C PHE D 78 10.70 25.06 -25.63
N GLY D 79 11.19 24.87 -24.43
CA GLY D 79 12.60 24.89 -24.19
C GLY D 79 12.83 25.17 -22.74
N SER D 80 14.07 24.98 -22.31
CA SER D 80 14.52 25.12 -20.91
C SER D 80 14.08 26.37 -20.18
N ALA D 81 13.64 26.15 -18.94
CA ALA D 81 13.37 27.23 -17.97
C ALA D 81 14.66 27.89 -17.43
N ARG D 82 15.77 27.17 -17.54
CA ARG D 82 17.01 27.53 -16.91
C ARG D 82 17.93 28.27 -17.84
N THR D 83 17.63 28.34 -19.12
CA THR D 83 18.47 29.06 -20.08
C THR D 83 18.78 30.49 -19.60
N PRO D 84 20.09 30.81 -19.41
CA PRO D 84 20.54 32.17 -19.01
C PRO D 84 20.27 33.19 -20.11
N ALA D 85 19.98 34.44 -19.73
CA ALA D 85 19.58 35.46 -20.72
C ALA D 85 20.71 36.04 -21.58
N ASP D 86 21.97 35.80 -21.17
CA ASP D 86 23.18 36.16 -21.95
C ASP D 86 23.59 35.11 -22.99
N SER D 87 22.77 34.06 -23.14
CA SER D 87 23.10 32.82 -23.83
C SER D 87 22.81 32.90 -25.32
N PRO D 88 23.57 32.13 -26.14
CA PRO D 88 23.26 32.02 -27.58
C PRO D 88 21.95 31.29 -27.85
N GLU D 89 21.57 30.35 -26.97
CA GLU D 89 20.21 29.74 -27.04
C GLU D 89 19.12 30.79 -26.80
N TYR D 90 19.37 31.68 -25.85
CA TYR D 90 18.40 32.70 -25.49
C TYR D 90 18.21 33.67 -26.61
N ASP D 91 19.33 34.06 -27.25
CA ASP D 91 19.25 34.96 -28.41
C ASP D 91 18.42 34.29 -29.49
N ALA D 92 18.72 33.01 -29.76
CA ALA D 92 17.95 32.21 -30.72
C ALA D 92 16.41 32.19 -30.46
N GLY D 93 16.04 32.03 -29.18
CA GLY D 93 14.64 32.14 -28.77
C GLY D 93 13.98 33.46 -29.08
N VAL D 94 14.68 34.56 -28.85
CA VAL D 94 14.11 35.90 -29.19
C VAL D 94 13.93 36.03 -30.71
N ARG D 95 14.98 35.63 -31.41
N ARG D 95 14.99 35.62 -31.41
CA ARG D 95 15.05 35.63 -32.87
CA ARG D 95 15.07 35.65 -32.87
C ARG D 95 13.84 34.91 -33.47
C ARG D 95 13.87 34.89 -33.49
N LEU D 96 13.54 33.75 -32.89
CA LEU D 96 12.43 32.89 -33.30
C LEU D 96 11.02 33.42 -32.99
N GLY D 97 10.81 33.90 -31.77
CA GLY D 97 9.56 34.54 -31.45
C GLY D 97 9.23 35.63 -32.45
N ARG D 98 10.27 36.35 -32.83
CA ARG D 98 10.14 37.46 -33.79
C ARG D 98 9.82 36.94 -35.14
N GLY D 99 10.59 35.91 -35.53
CA GLY D 99 10.39 35.22 -36.76
C GLY D 99 8.94 34.81 -36.95
N LEU D 100 8.32 34.26 -35.90
CA LEU D 100 6.98 33.63 -36.05
C LEU D 100 5.88 34.67 -36.13
N VAL D 101 6.07 35.77 -35.43
CA VAL D 101 5.16 36.91 -35.52
C VAL D 101 5.16 37.44 -36.98
N GLU D 102 6.36 37.59 -37.53
CA GLU D 102 6.54 38.07 -38.90
C GLU D 102 5.89 37.14 -39.91
N ALA D 103 5.92 35.84 -39.59
CA ALA D 103 5.24 34.85 -40.42
C ALA D 103 3.73 34.78 -40.24
N GLY D 104 3.13 35.59 -39.35
CA GLY D 104 1.70 35.57 -39.14
C GLY D 104 1.19 34.79 -37.92
N PHE D 105 2.09 34.24 -37.12
CA PHE D 105 1.68 33.40 -35.99
C PHE D 105 1.69 34.09 -34.65
N ALA D 106 0.76 33.69 -33.79
CA ALA D 106 0.91 34.02 -32.36
C ALA D 106 1.98 33.12 -31.72
N VAL D 107 2.55 33.55 -30.61
CA VAL D 107 3.51 32.69 -29.98
C VAL D 107 3.01 32.27 -28.62
N ILE D 108 2.94 30.96 -28.42
CA ILE D 108 2.42 30.36 -27.18
C ILE D 108 3.57 29.72 -26.46
N THR D 109 3.74 30.01 -25.17
CA THR D 109 4.75 29.28 -24.39
C THR D 109 4.22 28.87 -23.01
N GLY D 110 5.08 28.22 -22.24
CA GLY D 110 4.73 27.91 -20.87
C GLY D 110 4.63 29.10 -19.96
N GLY D 111 5.09 30.28 -20.41
CA GLY D 111 5.07 31.48 -19.58
C GLY D 111 6.22 31.48 -18.59
N GLY D 112 7.16 30.54 -18.69
CA GLY D 112 8.24 30.48 -17.73
C GLY D 112 9.36 31.46 -18.02
N PRO D 113 10.44 31.37 -17.27
CA PRO D 113 11.70 32.01 -17.60
C PRO D 113 12.49 31.28 -18.72
N GLY D 114 13.74 31.72 -18.93
CA GLY D 114 14.66 31.10 -19.89
C GLY D 114 14.18 31.20 -21.34
N ALA D 115 14.23 30.07 -22.03
CA ALA D 115 13.86 29.99 -23.42
C ALA D 115 12.39 30.36 -23.65
N MET D 116 11.52 30.06 -22.70
CA MET D 116 10.10 30.48 -22.84
C MET D 116 10.02 31.99 -22.92
N GLU D 117 10.72 32.65 -22.00
CA GLU D 117 10.75 34.08 -21.89
C GLU D 117 11.36 34.67 -23.17
N ALA D 118 12.46 34.07 -23.60
CA ALA D 118 13.10 34.44 -24.88
C ALA D 118 12.10 34.55 -26.02
N ALA D 119 11.32 33.50 -26.21
CA ALA D 119 10.35 33.49 -27.31
C ALA D 119 9.24 34.51 -27.08
N ASN D 120 8.75 34.62 -25.86
CA ASN D 120 7.72 35.64 -25.58
C ASN D 120 8.27 37.06 -25.85
N LYS D 121 9.52 37.28 -25.44
CA LYS D 121 10.19 38.55 -25.66
C LYS D 121 10.25 38.91 -27.12
N GLY D 122 10.74 37.98 -27.93
CA GLY D 122 10.78 38.16 -29.37
C GLY D 122 9.43 38.47 -29.97
N ALA D 123 8.36 37.85 -29.47
CA ALA D 123 7.03 38.04 -30.07
C ALA D 123 6.51 39.46 -29.80
N LEU D 124 6.92 40.00 -28.66
CA LEU D 124 6.60 41.37 -28.28
C LEU D 124 7.38 42.40 -29.08
N GLU D 125 8.67 42.14 -29.27
CA GLU D 125 9.50 43.01 -30.10
C GLU D 125 8.91 43.23 -31.49
N ALA D 126 8.24 42.22 -32.02
CA ALA D 126 7.64 42.28 -33.37
C ALA D 126 6.17 42.68 -33.32
N LYS D 127 5.73 43.23 -32.19
CA LYS D 127 4.35 43.66 -32.00
C LYS D 127 3.32 42.57 -32.31
N GLY D 128 3.61 41.34 -31.90
CA GLY D 128 2.69 40.23 -32.13
C GLY D 128 1.92 39.91 -30.86
N THR D 129 1.12 38.85 -30.91
CA THR D 129 0.40 38.40 -29.73
C THR D 129 1.26 37.30 -29.05
N SER D 130 1.62 37.55 -27.79
CA SER D 130 2.53 36.73 -26.97
C SER D 130 1.75 36.06 -25.83
N VAL D 131 1.56 34.73 -25.91
CA VAL D 131 0.77 33.95 -24.96
C VAL D 131 1.68 33.15 -24.01
N GLY D 132 1.28 33.16 -22.73
CA GLY D 132 1.96 32.40 -21.68
C GLY D 132 0.95 31.58 -20.87
N LEU D 133 1.04 30.26 -20.97
CA LEU D 133 0.13 29.35 -20.27
C LEU D 133 0.90 28.73 -19.12
N GLY D 134 0.75 29.30 -17.94
CA GLY D 134 1.49 28.85 -16.76
C GLY D 134 0.93 27.59 -16.10
N ILE D 135 1.70 27.09 -15.17
CA ILE D 135 1.28 25.94 -14.42
C ILE D 135 1.74 26.14 -12.98
N GLU D 136 0.85 25.84 -12.06
CA GLU D 136 1.19 25.89 -10.63
C GLU D 136 2.42 25.06 -10.30
N LEU D 137 3.39 25.64 -9.62
CA LEU D 137 4.57 24.95 -9.16
C LEU D 137 4.64 25.05 -7.66
N PRO D 138 5.49 24.24 -7.02
CA PRO D 138 5.60 24.23 -5.56
C PRO D 138 6.46 25.36 -5.02
N PHE D 139 7.05 26.14 -5.91
CA PHE D 139 7.83 27.31 -5.53
C PHE D 139 7.34 28.57 -6.25
N GLU D 140 7.75 29.69 -5.69
CA GLU D 140 7.39 31.01 -6.20
C GLU D 140 7.90 31.17 -7.63
N GLN D 141 7.01 31.44 -8.56
CA GLN D 141 7.42 31.76 -9.91
C GLN D 141 6.21 32.32 -10.65
N GLY D 142 6.31 33.56 -11.14
CA GLY D 142 5.23 34.23 -11.86
C GLY D 142 5.45 34.12 -13.36
N LEU D 143 4.45 34.49 -14.13
CA LEU D 143 4.58 34.53 -15.57
C LEU D 143 5.66 35.55 -15.94
N ASN D 144 6.33 35.33 -17.06
CA ASN D 144 7.45 36.15 -17.45
C ASN D 144 6.89 37.49 -17.96
N PRO D 145 7.71 38.56 -17.90
CA PRO D 145 7.31 39.96 -18.19
C PRO D 145 6.87 40.22 -19.60
N TYR D 146 7.21 39.33 -20.53
CA TYR D 146 6.77 39.51 -21.91
C TYR D 146 5.55 38.73 -22.27
N VAL D 147 4.81 38.28 -21.27
CA VAL D 147 3.55 37.58 -21.53
C VAL D 147 2.42 38.58 -21.65
N ASP D 148 1.60 38.46 -22.68
CA ASP D 148 0.47 39.36 -22.84
C ASP D 148 -0.90 38.73 -22.53
N ILE D 149 -1.17 37.60 -23.17
CA ILE D 149 -2.29 36.80 -22.81
C ILE D 149 -1.75 35.74 -21.83
N GLY D 150 -2.09 35.88 -20.55
CA GLY D 150 -1.56 35.04 -19.47
C GLY D 150 -2.65 34.28 -18.74
N LEU D 151 -2.43 32.96 -18.57
CA LEU D 151 -3.21 32.13 -17.63
C LEU D 151 -2.32 31.26 -16.85
N ASN D 152 -2.70 30.94 -15.63
CA ASN D 152 -2.02 29.94 -14.81
C ASN D 152 -2.96 28.81 -14.55
N PHE D 153 -2.65 27.67 -15.14
CA PHE D 153 -3.47 26.46 -14.98
C PHE D 153 -3.08 25.77 -13.72
N ARG D 154 -4.05 25.12 -13.10
CA ARG D 154 -3.71 24.25 -12.01
C ARG D 154 -3.71 22.76 -12.36
N TYR D 155 -4.37 22.41 -13.46
CA TYR D 155 -4.36 21.04 -13.96
C TYR D 155 -3.45 20.90 -15.18
N PHE D 156 -2.36 20.17 -14.97
CA PHE D 156 -1.34 19.83 -15.99
C PHE D 156 -1.94 19.38 -17.32
N PHE D 157 -2.93 18.51 -17.22
CA PHE D 157 -3.50 17.85 -18.36
C PHE D 157 -4.50 18.67 -19.09
N VAL D 158 -4.98 19.71 -18.45
CA VAL D 158 -5.76 20.70 -19.13
C VAL D 158 -4.80 21.55 -19.95
N ARG D 159 -3.69 21.97 -19.36
CA ARG D 159 -2.80 22.82 -20.11
C ARG D 159 -2.22 22.13 -21.32
N LYS D 160 -1.89 20.85 -21.19
CA LYS D 160 -1.38 20.03 -22.33
C LYS D 160 -2.22 20.07 -23.59
N MET D 161 -3.51 20.04 -23.38
CA MET D 161 -4.38 20.09 -24.51
C MET D 161 -4.45 21.49 -25.11
N MET D 162 -4.27 22.53 -24.34
CA MET D 162 -4.30 23.90 -24.88
C MET D 162 -3.13 24.21 -25.87
N PHE D 163 -1.97 23.60 -25.60
CA PHE D 163 -0.77 23.74 -26.42
C PHE D 163 -0.95 23.17 -27.81
N VAL D 164 -1.78 22.14 -27.96
CA VAL D 164 -2.03 21.53 -29.28
C VAL D 164 -3.22 22.15 -30.01
N LYS D 165 -4.27 22.43 -29.26
CA LYS D 165 -5.53 22.89 -29.78
C LYS D 165 -5.38 24.23 -30.45
N TYR D 166 -4.57 25.11 -29.87
CA TYR D 166 -4.47 26.50 -30.35
C TYR D 166 -3.25 26.74 -31.22
N ALA D 167 -2.44 25.69 -31.43
CA ALA D 167 -1.25 25.78 -32.27
C ALA D 167 -1.40 24.94 -33.54
N GLN D 168 -0.56 25.27 -34.53
CA GLN D 168 -0.39 24.46 -35.74
C GLN D 168 0.97 23.86 -35.87
N GLY D 169 1.86 24.03 -34.89
CA GLY D 169 3.13 23.36 -34.90
C GLY D 169 3.92 23.65 -33.66
N PHE D 170 5.01 22.91 -33.47
CA PHE D 170 5.89 23.08 -32.32
C PHE D 170 7.29 23.47 -32.79
N VAL D 171 7.90 24.37 -32.01
CA VAL D 171 9.33 24.63 -32.15
C VAL D 171 9.98 24.37 -30.78
N VAL D 172 11.01 23.57 -30.79
CA VAL D 172 11.51 23.07 -29.58
C VAL D 172 12.93 23.52 -29.44
N LEU D 173 13.14 24.49 -28.57
CA LEU D 173 14.50 24.85 -28.21
C LEU D 173 15.10 23.83 -27.24
N PRO D 174 16.41 23.85 -27.11
CA PRO D 174 17.05 22.91 -26.22
C PRO D 174 16.43 22.93 -24.82
N GLY D 175 15.98 21.77 -24.32
CA GLY D 175 15.29 21.70 -23.05
C GLY D 175 15.57 20.52 -22.15
N GLY D 176 14.97 20.61 -20.96
CA GLY D 176 14.95 19.55 -19.97
C GLY D 176 13.78 18.59 -20.12
N LEU D 177 13.52 17.90 -19.03
CA LEU D 177 12.49 16.87 -18.98
C LEU D 177 11.12 17.35 -19.42
N GLY D 178 10.75 18.55 -19.03
CA GLY D 178 9.45 19.14 -19.43
C GLY D 178 9.27 19.33 -20.91
N THR D 179 10.38 19.64 -21.56
CA THR D 179 10.41 19.94 -22.96
C THR D 179 10.36 18.63 -23.75
N LEU D 180 11.08 17.62 -23.30
CA LEU D 180 11.00 16.29 -23.90
C LEU D 180 9.60 15.69 -23.82
N ASP D 181 8.94 15.88 -22.68
CA ASP D 181 7.57 15.42 -22.45
C ASP D 181 6.63 15.89 -23.55
N GLU D 182 6.69 17.20 -23.86
CA GLU D 182 5.93 17.83 -24.97
C GLU D 182 6.37 17.38 -26.35
N LEU D 183 7.68 17.31 -26.57
CA LEU D 183 8.23 16.86 -27.82
C LEU D 183 7.65 15.52 -28.18
N PHE D 184 7.85 14.55 -27.32
CA PHE D 184 7.38 13.22 -27.63
C PHE D 184 5.86 13.05 -27.62
N GLU D 185 5.11 13.96 -27.03
CA GLU D 185 3.65 14.00 -27.17
C GLU D 185 3.18 14.35 -28.60
N ALA D 186 3.79 15.38 -29.18
CA ALA D 186 3.47 15.83 -30.53
C ALA D 186 3.91 14.79 -31.54
N LEU D 187 5.09 14.23 -31.30
CA LEU D 187 5.55 13.17 -32.13
C LEU D 187 4.61 12.00 -32.15
N THR D 188 4.07 11.58 -31.01
CA THR D 188 3.21 10.40 -31.04
C THR D 188 1.82 10.76 -31.57
N LEU D 189 1.39 11.97 -31.29
CA LEU D 189 0.17 12.45 -31.88
C LEU D 189 0.25 12.47 -33.39
N VAL D 190 1.41 12.82 -33.93
CA VAL D 190 1.57 12.86 -35.39
C VAL D 190 1.76 11.45 -35.94
N GLN D 191 2.59 10.64 -35.29
CA GLN D 191 2.78 9.24 -35.69
C GLN D 191 1.47 8.42 -35.75
N THR D 192 0.58 8.64 -34.81
CA THR D 192 -0.68 7.91 -34.77
C THR D 192 -1.77 8.57 -35.63
N GLN D 193 -1.44 9.71 -36.19
CA GLN D 193 -2.33 10.48 -37.08
C GLN D 193 -3.54 11.04 -36.39
N LYS D 194 -3.42 11.27 -35.07
CA LYS D 194 -4.44 12.01 -34.32
C LYS D 194 -4.36 13.47 -34.63
N VAL D 195 -3.19 13.91 -35.04
CA VAL D 195 -3.01 15.26 -35.52
C VAL D 195 -2.34 15.16 -36.91
N THR D 196 -2.53 16.19 -37.71
CA THR D 196 -1.97 16.20 -39.05
C THR D 196 -1.55 17.61 -39.46
N ARG D 197 -0.58 17.69 -40.39
CA ARG D 197 -0.02 18.97 -40.87
C ARG D 197 0.45 19.82 -39.71
N PHE D 198 1.28 19.17 -38.88
CA PHE D 198 1.74 19.70 -37.62
C PHE D 198 3.26 19.61 -37.58
N PRO D 199 3.91 20.64 -38.13
CA PRO D 199 5.35 20.71 -38.19
C PRO D 199 5.92 20.77 -36.82
N ILE D 200 6.97 19.98 -36.63
CA ILE D 200 7.70 19.95 -35.38
C ILE D 200 9.15 20.23 -35.73
N VAL D 201 9.74 21.24 -35.12
CA VAL D 201 11.10 21.63 -35.45
C VAL D 201 11.91 21.67 -34.16
N LEU D 202 13.09 21.05 -34.13
CA LEU D 202 13.97 21.18 -32.97
C LEU D 202 15.13 22.08 -33.34
N PHE D 203 15.52 22.99 -32.46
CA PHE D 203 16.59 23.90 -32.70
C PHE D 203 17.81 23.46 -31.87
N GLY D 204 18.99 23.38 -32.49
CA GLY D 204 20.25 23.08 -31.81
C GLY D 204 20.72 21.71 -32.18
N SER D 205 21.38 21.56 -33.32
CA SER D 205 21.78 20.22 -33.81
C SER D 205 22.80 19.50 -32.91
N GLU D 206 23.70 20.26 -32.27
CA GLU D 206 24.66 19.65 -31.34
C GLU D 206 23.97 19.19 -30.07
N TYR D 207 22.93 19.90 -29.67
CA TYR D 207 22.18 19.52 -28.47
C TYR D 207 21.29 18.27 -28.69
N TRP D 208 20.51 18.28 -29.78
CA TRP D 208 19.61 17.16 -30.12
C TRP D 208 20.25 15.94 -30.79
N GLY D 209 21.51 16.07 -31.17
CA GLY D 209 22.18 15.08 -31.97
C GLY D 209 22.32 13.72 -31.33
N GLY D 210 22.65 13.67 -30.05
CA GLY D 210 22.76 12.40 -29.32
C GLY D 210 21.42 11.69 -29.14
N LEU D 211 20.36 12.48 -29.04
CA LEU D 211 19.01 11.94 -28.92
C LEU D 211 18.59 11.32 -30.26
N VAL D 212 18.70 12.09 -31.33
CA VAL D 212 18.43 11.56 -32.68
C VAL D 212 19.29 10.33 -33.01
N ASP D 213 20.52 10.27 -32.53
CA ASP D 213 21.37 9.09 -32.75
C ASP D 213 20.90 7.85 -32.06
N TRP D 214 20.35 8.02 -30.86
CA TRP D 214 19.77 6.91 -30.11
C TRP D 214 18.46 6.47 -30.73
N LEU D 215 17.62 7.42 -31.13
CA LEU D 215 16.36 7.11 -31.84
C LEU D 215 16.61 6.25 -33.08
N ARG D 216 17.65 6.58 -33.84
CA ARG D 216 18.03 5.81 -35.06
C ARG D 216 18.76 4.50 -34.70
N GLY D 217 19.81 4.62 -33.89
CA GLY D 217 20.69 3.47 -33.55
C GLY D 217 20.10 2.42 -32.62
N THR D 218 19.07 2.77 -31.86
CA THR D 218 18.37 1.82 -30.99
C THR D 218 16.89 1.63 -31.37
N LEU D 219 16.08 2.69 -31.42
CA LEU D 219 14.64 2.51 -31.68
C LEU D 219 14.35 1.96 -33.10
N VAL D 220 14.80 2.73 -34.09
CA VAL D 220 14.54 2.34 -35.47
C VAL D 220 15.29 1.02 -35.77
N ALA D 221 16.54 0.94 -35.32
CA ALA D 221 17.36 -0.19 -35.57
C ALA D 221 16.78 -1.48 -35.02
N GLN D 222 15.94 -1.41 -33.98
CA GLN D 222 15.34 -2.62 -33.39
C GLN D 222 13.88 -2.75 -33.70
N GLY D 223 13.36 -1.93 -34.61
CA GLY D 223 11.95 -2.06 -35.05
C GLY D 223 10.84 -1.38 -34.24
N LYS D 224 11.20 -0.56 -33.24
CA LYS D 224 10.23 0.11 -32.34
C LYS D 224 9.68 1.36 -32.99
N ALA D 225 10.45 1.94 -33.88
CA ALA D 225 9.98 2.98 -34.79
C ALA D 225 10.45 2.60 -36.20
N ALA D 226 9.88 3.30 -37.20
CA ALA D 226 10.31 3.19 -38.60
C ALA D 226 11.25 4.34 -38.93
N GLU D 227 12.06 4.20 -39.97
CA GLU D 227 12.91 5.33 -40.38
C GLU D 227 12.08 6.58 -40.77
N LYS D 228 10.95 6.38 -41.42
CA LYS D 228 10.06 7.48 -41.79
C LYS D 228 9.48 8.23 -40.59
N ASP D 229 9.53 7.63 -39.40
CA ASP D 229 9.04 8.30 -38.17
C ASP D 229 10.01 9.40 -37.71
N LEU D 230 11.28 9.27 -38.11
CA LEU D 230 12.29 10.31 -37.86
C LEU D 230 12.15 11.57 -38.74
N MET D 231 11.31 11.50 -39.78
CA MET D 231 10.98 12.61 -40.65
C MET D 231 9.88 13.49 -40.12
N LEU D 232 9.28 13.10 -38.99
CA LEU D 232 8.20 13.86 -38.36
C LEU D 232 8.67 15.13 -37.67
N PHE D 233 9.96 15.27 -37.48
CA PHE D 233 10.57 16.49 -37.00
C PHE D 233 11.75 16.87 -37.88
N HIS D 234 12.20 18.11 -37.80
CA HIS D 234 13.41 18.58 -38.49
C HIS D 234 14.33 19.12 -37.43
N VAL D 235 15.61 18.91 -37.57
CA VAL D 235 16.60 19.51 -36.73
C VAL D 235 17.29 20.62 -37.53
N THR D 236 17.60 21.74 -36.89
CA THR D 236 18.17 22.90 -37.55
C THR D 236 18.91 23.82 -36.58
N ASP D 237 19.91 24.53 -37.09
CA ASP D 237 20.52 25.60 -36.33
C ASP D 237 20.10 26.97 -36.84
N ASP D 238 19.21 27.04 -37.81
CA ASP D 238 18.93 28.31 -38.46
C ASP D 238 17.50 28.77 -38.15
N VAL D 239 17.42 29.92 -37.52
CA VAL D 239 16.16 30.43 -37.05
C VAL D 239 15.29 30.72 -38.24
N ASP D 240 15.87 31.29 -39.28
CA ASP D 240 15.08 31.59 -40.47
C ASP D 240 14.61 30.33 -41.21
N GLU D 241 15.40 29.25 -41.14
CA GLU D 241 14.97 27.92 -41.66
C GLU D 241 13.75 27.37 -40.86
N ALA D 242 13.87 27.37 -39.52
CA ALA D 242 12.81 26.92 -38.63
C ALA D 242 11.51 27.60 -38.90
N VAL D 243 11.55 28.93 -39.01
CA VAL D 243 10.31 29.66 -39.30
C VAL D 243 9.74 29.26 -40.64
N ALA D 244 10.59 29.05 -41.63
CA ALA D 244 10.11 28.74 -42.96
C ALA D 244 9.45 27.36 -42.99
N LEU D 245 10.12 26.40 -42.34
CA LEU D 245 9.58 25.05 -42.18
C LEU D 245 8.17 25.06 -41.61
N VAL D 246 7.99 25.79 -40.50
CA VAL D 246 6.72 25.85 -39.83
C VAL D 246 5.63 26.47 -40.71
N SER D 247 5.91 27.57 -41.43
CA SER D 247 4.89 28.30 -42.24
C SER D 247 4.47 27.51 -43.46
N LYS D 248 5.48 26.90 -44.09
CA LYS D 248 5.24 25.95 -45.19
C LYS D 248 4.22 24.84 -44.74
N GLU D 249 4.58 24.10 -43.69
CA GLU D 249 3.80 22.90 -43.26
C GLU D 249 2.46 23.15 -42.51
N ALA D 250 2.36 24.19 -41.67
CA ALA D 250 1.15 24.43 -40.80
C ALA D 250 -0.13 24.74 -41.60
C1 EDO E . 10.82 -9.12 21.79
O1 EDO E . 10.98 -8.67 20.43
C2 EDO E . 9.38 -9.15 22.25
O2 EDO E . 9.00 -7.79 22.42
C1 EDO F . 7.24 6.43 7.40
O1 EDO F . 7.17 6.13 8.80
C2 EDO F . 5.87 6.81 6.82
O2 EDO F . 5.29 7.71 7.75
CAC FLC G . 15.15 -11.53 26.05
CA FLC G . 14.12 -10.71 26.61
CB FLC G . 12.90 -10.98 25.77
CBC FLC G . 11.88 -10.16 26.48
CG FLC G . 13.01 -10.53 24.32
CGC FLC G . 13.80 -11.36 23.35
OA1 FLC G . 14.94 -12.74 26.00
OA2 FLC G . 16.13 -10.96 25.61
OB1 FLC G . 12.07 -8.98 26.76
OB2 FLC G . 10.85 -10.66 26.81
OG1 FLC G . 15.00 -11.32 23.35
OG2 FLC G . 13.25 -12.04 22.54
OHB FLC G . 12.61 -12.38 25.73
C1 GOL H . -6.33 -7.85 37.54
O1 GOL H . -6.06 -6.46 37.85
C2 GOL H . -5.78 -8.80 38.59
O2 GOL H . -5.76 -10.19 38.23
C3 GOL H . -4.36 -8.40 38.89
O3 GOL H . -4.49 -7.09 39.37
C1 GOL I . 14.56 -9.85 -5.03
O1 GOL I . 14.51 -8.47 -5.39
C2 GOL I . 13.58 -10.17 -3.94
O2 GOL I . 12.37 -9.43 -4.06
C3 GOL I . 13.22 -11.62 -3.99
O3 GOL I . 12.51 -11.87 -5.19
C1 EDO J . -3.12 -25.13 18.91
O1 EDO J . -4.24 -25.01 19.82
C2 EDO J . -2.69 -26.62 18.78
O2 EDO J . -2.65 -27.29 20.06
CAC FLC K . -1.06 -27.66 15.51
CA FLC K . -2.17 -26.69 15.37
CB FLC K . -2.07 -26.06 14.00
CBC FLC K . -2.33 -27.14 12.97
CG FLC K . -3.03 -24.90 13.93
CGC FLC K . -4.34 -25.18 14.61
OA1 FLC K . -0.21 -27.43 16.35
OA2 FLC K . -1.04 -28.66 14.79
OB1 FLC K . -3.41 -27.73 12.92
OB2 FLC K . -1.47 -27.45 12.16
OG1 FLC K . -4.78 -24.38 15.42
OG2 FLC K . -4.93 -26.22 14.32
OHB FLC K . -0.80 -25.46 13.83
CAC FLC L . -18.95 -7.73 13.87
CA FLC L . -19.19 -7.25 12.50
CB FLC L . -18.75 -8.16 11.35
CBC FLC L . -19.81 -9.05 10.74
CG FLC L . -18.31 -7.19 10.27
CGC FLC L . -16.91 -6.81 10.38
OA1 FLC L . -19.83 -7.57 14.68
OA2 FLC L . -17.91 -8.28 14.14
OB1 FLC L . -20.46 -9.81 11.45
OB2 FLC L . -20.03 -9.07 9.52
OG1 FLC L . -16.19 -7.46 11.06
OG2 FLC L . -16.59 -5.86 9.73
OHB FLC L . -17.67 -8.93 11.83
C1 EDO M . -10.74 -32.33 37.41
O1 EDO M . -10.88 -33.18 36.23
C2 EDO M . -11.57 -32.80 38.59
O2 EDO M . -12.92 -32.30 38.37
C1 EDO N . 2.52 2.97 -25.72
O1 EDO N . 2.86 2.31 -24.47
C2 EDO N . 1.50 4.10 -25.61
O2 EDO N . 0.29 3.48 -25.18
C1 EDO O . -4.14 -7.85 -8.34
O1 EDO O . -4.53 -7.25 -9.60
C2 EDO O . -4.91 -7.26 -7.17
O2 EDO O . -6.28 -7.38 -7.50
CAC FLC P . 4.36 2.22 -31.83
CA FLC P . 3.10 2.30 -31.12
CB FLC P . 3.04 3.57 -30.29
CBC FLC P . 1.57 3.93 -30.23
CG FLC P . 3.62 3.34 -28.90
CGC FLC P . 4.90 2.56 -28.86
OA1 FLC P . 4.79 3.22 -32.32
OA2 FLC P . 4.90 1.13 -31.84
OB1 FLC P . 1.27 4.94 -29.61
OB2 FLC P . 0.66 3.28 -30.74
OG1 FLC P . 5.91 2.99 -28.36
OG2 FLC P . 4.92 1.45 -29.31
OHB FLC P . 3.83 4.64 -30.79
C1 GOL Q . -13.14 18.34 -32.31
O1 GOL Q . -13.27 19.63 -32.95
C2 GOL Q . -14.60 17.80 -32.25
O2 GOL Q . -14.78 16.95 -33.41
C3 GOL Q . -14.91 17.07 -30.93
O3 GOL Q . -16.04 16.14 -31.04
C1 GOL R . 16.16 -3.35 -4.45
O1 GOL R . 17.28 -2.52 -4.57
C2 GOL R . 16.46 -4.81 -4.72
O2 GOL R . 17.74 -5.08 -5.24
C3 GOL R . 16.28 -5.64 -3.45
O3 GOL R . 16.54 -6.99 -3.79
C1 EDO S . 7.81 22.93 -20.29
O1 EDO S . 6.73 23.83 -20.60
C2 EDO S . 9.13 23.60 -20.69
O2 EDO S . 9.04 24.26 -21.98
CAC FLC T . 12.38 22.43 -18.88
CA FLC T . 11.16 22.47 -17.99
CB FLC T . 11.36 21.67 -16.66
CBC FLC T . 12.58 22.25 -15.90
CG FLC T . 10.09 21.65 -15.81
CGC FLC T . 9.23 22.88 -16.02
OA1 FLC T . 13.41 23.02 -18.47
OA2 FLC T . 12.29 21.81 -19.97
OB1 FLC T . 12.61 23.45 -15.49
OB2 FLC T . 13.58 21.52 -15.73
OG1 FLC T . 9.71 23.98 -15.70
OG2 FLC T . 8.10 22.78 -16.54
OHB FLC T . 11.63 20.27 -16.93
CAC FLC U . -10.71 21.61 -5.17
CA FLC U . -10.51 21.03 -3.78
CB FLC U . -9.10 21.26 -3.17
CBC FLC U . -8.95 22.48 -2.21
CG FLC U . -8.77 20.17 -2.17
CGC FLC U . -8.74 18.86 -2.80
OA1 FLC U . -11.68 22.39 -5.39
OA2 FLC U . -9.92 21.28 -6.09
OB1 FLC U . -8.66 22.34 -0.97
OB2 FLC U . -9.10 23.64 -2.66
OG1 FLC U . -9.21 17.96 -2.09
OG2 FLC U . -8.24 18.74 -3.92
OHB FLC U . -8.16 21.16 -4.29
C1 EDO V . 0.47 37.00 -34.33
O1 EDO V . 1.55 37.62 -33.57
C2 EDO V . -0.38 37.97 -35.15
O2 EDO V . -0.71 39.06 -34.24
#